data_8VBN
#
_entry.id   8VBN
#
_cell.length_a   59.217
_cell.length_b   120.267
_cell.length_c   150.302
_cell.angle_alpha   90.000
_cell.angle_beta   90.000
_cell.angle_gamma   90.000
#
_symmetry.space_group_name_H-M   'P 21 21 21'
#
loop_
_entity.id
_entity.type
_entity.pdbx_description
1 polymer 'Bovine Fab ElsE8 light chain'
2 polymer 'Bovine Fab ElsE8 heavy chain'
3 water water
#
loop_
_entity_poly.entity_id
_entity_poly.type
_entity_poly.pdbx_seq_one_letter_code
_entity_poly.pdbx_strand_id
1 'polypeptide(L)'
;QAVLNQPSSVSGSLGQRVSITCSGSSSNVGNGYVSWYQLIPGSAPRTLIYGDTSRASGVPDRFSGSRSGNTATLTISSLQ
AEDEADYFCASAEDSSSNAVFGSGTTLTVLGQPKAAPSVTLFPPSSEELQANKATLVCLISDFYPGAVTVAWKADSSPVK
AGVETTTPSKQSNNKYAASSYLSLTPEQWKSHRSYSCQVTHEGSTVEKTVAPTECS
;
L,A
2 'polypeptide(L)'
;KVQLQESGPSLVKPSQTLSLTCTTSGFSLSDKGIAWVRQAPGKALEWLGSTDTTGSTNYNPGLKSRVIVTKDNSKSQVSL
SLSSVTIADSATYYCTAVVQETRKSCPDGWRFGWDCGFHGYGTEDCYEDCVDILSSETVSSTDRYELHVDAWGQGLLVTV
SSASTKGPSVFPLAPSSKSTSGGTAALGCLVKDYFPEPVTVSWNSGALTSGVHTFPAVLQSSGLYSLSSVVTVPSSSLGT
QTYICNVNHKPSNTKVDKKVEPKSC
;
H,B
#
# COMPACT_ATOMS: atom_id res chain seq x y z
N GLN A 1 -3.12 -6.42 9.47
CA GLN A 1 -3.87 -7.62 8.98
C GLN A 1 -2.94 -8.81 8.77
N ALA A 2 -3.31 -9.95 9.37
CA ALA A 2 -2.58 -11.18 9.09
C ALA A 2 -2.81 -11.60 7.65
N VAL A 3 -1.79 -12.24 7.07
CA VAL A 3 -1.83 -12.70 5.69
C VAL A 3 -1.29 -14.13 5.64
N LEU A 4 -1.92 -14.97 4.82
CA LEU A 4 -1.42 -16.33 4.61
C LEU A 4 -0.33 -16.31 3.54
N ASN A 5 0.59 -17.27 3.65
CA ASN A 5 1.79 -17.28 2.81
C ASN A 5 1.54 -18.03 1.52
N GLN A 6 1.71 -17.34 0.40
CA GLN A 6 1.60 -17.93 -0.92
C GLN A 6 2.81 -17.54 -1.76
N PRO A 7 3.22 -18.38 -2.69
CA PRO A 7 4.24 -17.94 -3.66
C PRO A 7 3.70 -16.80 -4.51
N SER A 8 4.59 -15.88 -4.87
CA SER A 8 4.17 -14.73 -5.66
C SER A 8 3.71 -15.13 -7.04
N SER A 9 4.36 -16.14 -7.63
CA SER A 9 4.05 -16.54 -8.99
C SER A 9 4.29 -18.03 -9.16
N VAL A 10 3.53 -18.62 -10.09
CA VAL A 10 3.75 -20.00 -10.54
C VAL A 10 3.55 -20.03 -12.04
N SER A 11 4.12 -21.05 -12.68
CA SER A 11 4.00 -21.23 -14.12
C SER A 11 3.75 -22.71 -14.43
N GLY A 12 2.96 -22.95 -15.47
CA GLY A 12 2.80 -24.27 -16.04
C GLY A 12 2.46 -24.15 -17.51
N SER A 13 2.75 -25.20 -18.25
CA SER A 13 2.53 -25.20 -19.69
C SER A 13 1.11 -25.66 -20.02
N LEU A 14 0.67 -25.29 -21.21
CA LEU A 14 -0.63 -25.72 -21.71
C LEU A 14 -0.78 -27.22 -21.60
N GLY A 15 -1.93 -27.65 -21.08
CA GLY A 15 -2.24 -29.05 -20.91
C GLY A 15 -1.64 -29.70 -19.69
N GLN A 16 -0.75 -29.02 -18.97
CA GLN A 16 -0.07 -29.60 -17.84
C GLN A 16 -0.75 -29.21 -16.53
N ARG A 17 -0.12 -29.55 -15.42
CA ARG A 17 -0.66 -29.38 -14.09
CA ARG A 17 -0.66 -29.38 -14.09
C ARG A 17 0.22 -28.44 -13.29
N VAL A 18 -0.41 -27.63 -12.44
CA VAL A 18 0.31 -26.70 -11.59
C VAL A 18 -0.30 -26.76 -10.19
N SER A 19 0.53 -26.51 -9.19
CA SER A 19 0.11 -26.51 -7.79
C SER A 19 0.45 -25.16 -7.17
N ILE A 20 -0.49 -24.63 -6.39
CA ILE A 20 -0.34 -23.35 -5.69
C ILE A 20 -0.56 -23.61 -4.21
N THR A 21 0.41 -23.21 -3.38
CA THR A 21 0.37 -23.52 -1.97
C THR A 21 -0.10 -22.32 -1.15
N CYS A 22 -0.65 -22.65 0.03
CA CYS A 22 -1.19 -21.68 0.98
C CYS A 22 -0.77 -22.15 2.36
N SER A 23 0.13 -21.39 3.00
CA SER A 23 0.77 -21.83 4.23
C SER A 23 0.43 -20.88 5.37
N GLY A 24 0.08 -21.44 6.51
CA GLY A 24 -0.26 -20.66 7.69
C GLY A 24 0.12 -21.41 8.95
N SER A 25 -0.57 -21.08 10.03
CA SER A 25 -0.30 -21.66 11.33
C SER A 25 -1.37 -22.69 11.67
N SER A 26 -1.19 -23.36 12.81
CA SER A 26 -2.18 -24.32 13.26
C SER A 26 -3.53 -23.65 13.56
N SER A 27 -3.56 -22.33 13.70
CA SER A 27 -4.77 -21.61 14.07
C SER A 27 -5.53 -21.04 12.88
N ASN A 28 -4.98 -21.11 11.67
CA ASN A 28 -5.76 -20.78 10.48
C ASN A 28 -5.79 -21.96 9.53
N VAL A 29 -4.75 -22.13 8.71
CA VAL A 29 -4.76 -23.22 7.73
C VAL A 29 -4.91 -24.56 8.45
N GLY A 30 -4.24 -24.71 9.60
CA GLY A 30 -4.30 -25.96 10.34
C GLY A 30 -5.67 -26.30 10.86
N ASN A 31 -6.57 -25.33 10.94
CA ASN A 31 -7.95 -25.61 11.31
C ASN A 31 -8.76 -26.18 10.16
N GLY A 32 -8.21 -26.19 8.95
CA GLY A 32 -8.94 -26.69 7.81
C GLY A 32 -9.90 -25.66 7.27
N TYR A 33 -10.78 -26.14 6.40
CA TYR A 33 -11.77 -25.28 5.76
C TYR A 33 -11.09 -24.09 5.09
N VAL A 34 -10.03 -24.39 4.37
CA VAL A 34 -9.41 -23.41 3.48
C VAL A 34 -10.28 -23.26 2.23
N SER A 35 -10.35 -22.04 1.72
CA SER A 35 -11.07 -21.75 0.49
C SER A 35 -10.12 -21.08 -0.50
N TRP A 36 -10.47 -21.18 -1.79
CA TRP A 36 -9.66 -20.66 -2.87
C TRP A 36 -10.49 -19.81 -3.80
N TYR A 37 -9.91 -18.70 -4.27
CA TYR A 37 -10.60 -17.72 -5.10
C TYR A 37 -9.72 -17.34 -6.29
N GLN A 38 -10.37 -17.18 -7.44
CA GLN A 38 -9.70 -16.82 -8.68
C GLN A 38 -10.07 -15.39 -9.04
N LEU A 39 -9.07 -14.53 -9.18
CA LEU A 39 -9.28 -13.12 -9.51
C LEU A 39 -8.73 -12.88 -10.91
N ILE A 40 -9.65 -12.68 -11.85
CA ILE A 40 -9.33 -12.32 -13.22
C ILE A 40 -9.59 -10.82 -13.37
N PRO A 41 -8.66 -10.05 -13.94
CA PRO A 41 -8.88 -8.61 -14.05
C PRO A 41 -10.19 -8.29 -14.75
N GLY A 42 -10.93 -7.34 -14.18
CA GLY A 42 -12.17 -6.88 -14.75
C GLY A 42 -13.38 -7.71 -14.38
N SER A 43 -13.20 -8.82 -13.68
CA SER A 43 -14.31 -9.67 -13.26
C SER A 43 -14.39 -9.69 -11.75
N ALA A 44 -15.57 -10.03 -11.24
CA ALA A 44 -15.70 -10.29 -9.81
C ALA A 44 -14.85 -11.50 -9.43
N PRO A 45 -14.28 -11.52 -8.24
CA PRO A 45 -13.60 -12.74 -7.78
C PRO A 45 -14.55 -13.93 -7.88
N ARG A 46 -13.97 -15.10 -8.15
CA ARG A 46 -14.73 -16.33 -8.33
C ARG A 46 -14.29 -17.34 -7.28
N THR A 47 -15.24 -17.85 -6.51
CA THR A 47 -14.93 -18.91 -5.55
C THR A 47 -14.74 -20.23 -6.28
N LEU A 48 -13.59 -20.88 -6.04
CA LEU A 48 -13.29 -22.17 -6.65
C LEU A 48 -13.49 -23.33 -5.69
N ILE A 49 -12.94 -23.21 -4.48
CA ILE A 49 -12.84 -24.30 -3.52
C ILE A 49 -13.23 -23.76 -2.15
N TYR A 50 -13.91 -24.59 -1.36
CA TYR A 50 -14.13 -24.31 0.06
C TYR A 50 -14.01 -25.62 0.82
N GLY A 51 -13.88 -25.52 2.14
CA GLY A 51 -13.79 -26.73 2.93
C GLY A 51 -12.61 -27.60 2.57
N ASP A 52 -11.47 -26.97 2.23
CA ASP A 52 -10.26 -27.63 1.77
C ASP A 52 -10.41 -28.26 0.39
N THR A 53 -11.45 -29.06 0.18
CA THR A 53 -11.53 -29.94 -0.98
C THR A 53 -12.82 -29.82 -1.79
N SER A 54 -13.81 -29.06 -1.34
CA SER A 54 -15.10 -29.01 -2.01
C SER A 54 -15.06 -27.97 -3.13
N ARG A 55 -15.51 -28.37 -4.30
CA ARG A 55 -15.59 -27.44 -5.43
C ARG A 55 -16.87 -26.62 -5.36
N ALA A 56 -16.74 -25.33 -5.63
CA ALA A 56 -17.91 -24.48 -5.69
C ALA A 56 -18.75 -24.81 -6.91
N SER A 57 -20.02 -24.40 -6.86
CA SER A 57 -20.93 -24.67 -7.97
C SER A 57 -20.38 -24.07 -9.25
N GLY A 58 -20.42 -24.86 -10.33
CA GLY A 58 -19.94 -24.44 -11.61
C GLY A 58 -18.47 -24.69 -11.88
N VAL A 59 -17.71 -25.15 -10.89
CA VAL A 59 -16.26 -25.28 -11.02
C VAL A 59 -15.93 -26.70 -11.49
N PRO A 60 -15.26 -26.86 -12.63
CA PRO A 60 -14.95 -28.21 -13.11
C PRO A 60 -13.96 -28.94 -12.21
N ASP A 61 -13.86 -30.26 -12.45
CA ASP A 61 -13.09 -31.14 -11.57
C ASP A 61 -11.59 -30.92 -11.68
N ARG A 62 -11.10 -30.32 -12.77
CA ARG A 62 -9.66 -30.12 -12.88
C ARG A 62 -9.14 -29.07 -11.89
N PHE A 63 -10.04 -28.37 -11.19
CA PHE A 63 -9.67 -27.57 -10.02
C PHE A 63 -9.90 -28.43 -8.78
N SER A 64 -8.83 -28.71 -8.04
CA SER A 64 -8.94 -29.54 -6.84
C SER A 64 -8.14 -28.92 -5.71
N GLY A 65 -8.62 -29.12 -4.50
CA GLY A 65 -7.96 -28.64 -3.31
C GLY A 65 -7.54 -29.80 -2.43
N SER A 66 -6.48 -29.57 -1.65
CA SER A 66 -6.03 -30.54 -0.67
C SER A 66 -5.33 -29.80 0.46
N ARG A 67 -5.02 -30.52 1.52
CA ARG A 67 -4.33 -29.92 2.66
C ARG A 67 -3.48 -30.98 3.32
N SER A 68 -2.28 -30.59 3.70
CA SER A 68 -1.35 -31.43 4.46
C SER A 68 -0.87 -30.55 5.62
N GLY A 69 -1.50 -30.72 6.78
CA GLY A 69 -1.12 -29.92 7.93
C GLY A 69 -1.39 -28.45 7.74
N ASN A 70 -0.35 -27.62 7.85
CA ASN A 70 -0.48 -26.17 7.79
C ASN A 70 -0.23 -25.60 6.40
N THR A 71 -0.19 -26.44 5.36
CA THR A 71 -0.14 -25.96 3.98
C THR A 71 -1.27 -26.59 3.18
N ALA A 72 -2.09 -25.75 2.56
CA ALA A 72 -3.11 -26.19 1.64
C ALA A 72 -2.66 -25.93 0.21
N THR A 73 -3.19 -26.74 -0.72
CA THR A 73 -2.76 -26.69 -2.11
C THR A 73 -3.96 -26.66 -3.04
N LEU A 74 -3.93 -25.73 -3.98
CA LEU A 74 -4.83 -25.71 -5.13
C LEU A 74 -4.07 -26.28 -6.31
N THR A 75 -4.63 -27.30 -6.93
CA THR A 75 -4.04 -27.95 -8.09
C THR A 75 -4.95 -27.73 -9.29
N ILE A 76 -4.36 -27.28 -10.40
CA ILE A 76 -5.08 -27.03 -11.64
C ILE A 76 -4.45 -27.88 -12.72
N SER A 77 -5.22 -28.82 -13.27
CA SER A 77 -4.74 -29.68 -14.34
C SER A 77 -5.32 -29.23 -15.68
N SER A 78 -4.76 -29.79 -16.75
CA SER A 78 -5.15 -29.43 -18.12
C SER A 78 -5.19 -27.92 -18.31
N LEU A 79 -4.10 -27.26 -17.92
CA LEU A 79 -4.03 -25.80 -17.99
C LEU A 79 -4.43 -25.30 -19.37
N GLN A 80 -5.19 -24.21 -19.39
CA GLN A 80 -5.56 -23.51 -20.61
C GLN A 80 -5.34 -22.02 -20.40
N ALA A 81 -5.40 -21.28 -21.51
CA ALA A 81 -5.05 -19.86 -21.50
C ALA A 81 -5.88 -19.09 -20.47
N GLU A 82 -7.16 -19.44 -20.33
CA GLU A 82 -8.06 -18.72 -19.44
C GLU A 82 -7.73 -18.92 -17.96
N ASP A 83 -6.79 -19.82 -17.63
CA ASP A 83 -6.41 -20.01 -16.25
C ASP A 83 -5.45 -18.93 -15.74
N GLU A 84 -4.89 -18.11 -16.63
CA GLU A 84 -4.06 -17.01 -16.17
C GLU A 84 -4.90 -16.07 -15.30
N ALA A 85 -4.48 -15.90 -14.06
CA ALA A 85 -5.25 -15.19 -13.06
C ALA A 85 -4.41 -15.14 -11.78
N ASP A 86 -4.93 -14.41 -10.80
CA ASP A 86 -4.37 -14.37 -9.46
C ASP A 86 -5.23 -15.22 -8.55
N TYR A 87 -4.61 -16.15 -7.82
CA TYR A 87 -5.31 -17.12 -6.99
C TYR A 87 -5.03 -16.86 -5.52
N PHE A 88 -6.09 -16.66 -4.74
CA PHE A 88 -6.00 -16.32 -3.32
C PHE A 88 -6.63 -17.42 -2.49
N CYS A 89 -5.95 -17.82 -1.42
CA CYS A 89 -6.54 -18.70 -0.44
C CYS A 89 -7.10 -17.88 0.73
N ALA A 90 -7.87 -18.55 1.57
CA ALA A 90 -8.41 -17.90 2.77
C ALA A 90 -8.74 -18.98 3.79
N SER A 91 -8.83 -18.55 5.05
CA SER A 91 -9.39 -19.40 6.08
C SER A 91 -9.85 -18.51 7.23
N ALA A 92 -10.73 -19.06 8.06
CA ALA A 92 -11.09 -18.40 9.30
C ALA A 92 -9.88 -18.40 10.23
N GLU A 93 -9.89 -17.48 11.19
CA GLU A 93 -8.88 -17.46 12.23
C GLU A 93 -9.56 -17.15 13.56
N ASP A 94 -9.53 -18.12 14.48
CA ASP A 94 -9.99 -17.94 15.85
C ASP A 94 -11.51 -17.82 15.97
N SER A 95 -12.20 -17.45 14.89
CA SER A 95 -13.64 -17.36 14.90
C SER A 95 -14.15 -17.50 13.47
N SER A 96 -15.40 -17.93 13.35
CA SER A 96 -16.04 -18.05 12.05
C SER A 96 -16.46 -16.72 11.47
N SER A 97 -16.13 -15.60 12.14
CA SER A 97 -16.46 -14.27 11.64
C SER A 97 -15.22 -13.46 11.31
N ASN A 98 -14.05 -14.09 11.22
CA ASN A 98 -12.80 -13.39 10.94
C ASN A 98 -12.01 -14.22 9.93
N ALA A 99 -11.78 -13.66 8.75
CA ALA A 99 -11.05 -14.36 7.70
C ALA A 99 -9.67 -13.72 7.51
N VAL A 100 -8.71 -14.57 7.16
CA VAL A 100 -7.39 -14.13 6.76
C VAL A 100 -7.17 -14.63 5.33
N PHE A 101 -6.70 -13.77 4.46
CA PHE A 101 -6.46 -14.11 3.06
C PHE A 101 -4.97 -14.28 2.80
N GLY A 102 -4.65 -15.06 1.77
CA GLY A 102 -3.30 -15.13 1.30
C GLY A 102 -2.91 -13.91 0.48
N SER A 103 -1.62 -13.85 0.14
CA SER A 103 -1.08 -12.75 -0.63
C SER A 103 -1.36 -12.86 -2.12
N GLY A 104 -1.79 -14.03 -2.59
CA GLY A 104 -2.14 -14.19 -3.98
C GLY A 104 -0.99 -14.73 -4.79
N THR A 105 -1.28 -15.67 -5.67
CA THR A 105 -0.29 -16.26 -6.58
C THR A 105 -0.74 -16.01 -8.01
N THR A 106 0.10 -15.34 -8.79
CA THR A 106 -0.20 -15.08 -10.18
C THR A 106 0.28 -16.26 -11.03
N LEU A 107 -0.64 -16.82 -11.82
CA LEU A 107 -0.35 -17.97 -12.65
C LEU A 107 -0.12 -17.53 -14.09
N THR A 108 1.02 -17.93 -14.64
CA THR A 108 1.33 -17.75 -16.06
C THR A 108 1.25 -19.11 -16.75
N VAL A 109 0.56 -19.15 -17.88
CA VAL A 109 0.40 -20.38 -18.65
C VAL A 109 1.34 -20.31 -19.84
N LEU A 110 2.35 -21.17 -19.83
CA LEU A 110 3.39 -21.18 -20.84
C LEU A 110 2.96 -22.01 -22.04
N GLY A 111 3.72 -21.88 -23.12
CA GLY A 111 3.42 -22.59 -24.35
C GLY A 111 2.42 -21.91 -25.25
N GLN A 112 1.98 -20.69 -24.92
CA GLN A 112 1.02 -19.99 -25.73
C GLN A 112 1.71 -19.27 -26.89
N PRO A 113 1.02 -19.10 -28.01
CA PRO A 113 1.64 -18.40 -29.15
C PRO A 113 1.91 -16.94 -28.81
N LYS A 114 3.06 -16.46 -29.26
CA LYS A 114 3.32 -15.03 -29.23
C LYS A 114 2.30 -14.32 -30.11
N ALA A 115 1.84 -13.16 -29.65
CA ALA A 115 0.89 -12.34 -30.40
C ALA A 115 1.42 -10.91 -30.43
N ALA A 116 1.60 -10.37 -31.64
CA ALA A 116 2.15 -9.05 -31.80
C ALA A 116 1.10 -7.98 -31.53
N PRO A 117 1.50 -6.81 -31.03
CA PRO A 117 0.51 -5.76 -30.73
C PRO A 117 -0.09 -5.16 -31.99
N SER A 118 -1.37 -4.86 -31.91
CA SER A 118 -2.05 -4.01 -32.88
C SER A 118 -2.03 -2.59 -32.33
N VAL A 119 -1.78 -1.62 -33.22
CA VAL A 119 -1.58 -0.23 -32.81
C VAL A 119 -2.57 0.65 -33.57
N THR A 120 -3.26 1.50 -32.83
CA THR A 120 -4.10 2.56 -33.39
C THR A 120 -3.62 3.88 -32.83
N LEU A 121 -3.39 4.85 -33.71
CA LEU A 121 -2.82 6.14 -33.32
C LEU A 121 -3.74 7.25 -33.80
N PHE A 122 -4.16 8.11 -32.87
CA PHE A 122 -5.03 9.23 -33.20
C PHE A 122 -4.28 10.55 -33.05
N PRO A 123 -4.44 11.48 -33.99
CA PRO A 123 -3.89 12.82 -33.80
C PRO A 123 -4.76 13.62 -32.85
N PRO A 124 -4.31 14.82 -32.46
CA PRO A 124 -5.18 15.69 -31.67
C PRO A 124 -6.44 16.04 -32.45
N SER A 125 -7.56 16.10 -31.74
CA SER A 125 -8.81 16.50 -32.36
C SER A 125 -8.83 18.01 -32.59
N SER A 126 -9.62 18.44 -33.57
CA SER A 126 -9.77 19.88 -33.79
C SER A 126 -10.34 20.56 -32.54
N GLU A 127 -11.23 19.88 -31.81
CA GLU A 127 -11.77 20.46 -30.59
C GLU A 127 -10.66 20.71 -29.57
N GLU A 128 -9.80 19.73 -29.36
CA GLU A 128 -8.73 19.90 -28.38
C GLU A 128 -7.77 21.01 -28.79
N LEU A 129 -7.41 21.05 -30.08
CA LEU A 129 -6.51 22.10 -30.55
C LEU A 129 -7.11 23.48 -30.33
N GLN A 130 -8.43 23.61 -30.53
CA GLN A 130 -9.10 24.86 -30.24
C GLN A 130 -8.98 25.24 -28.78
N ALA A 131 -8.92 24.25 -27.89
CA ALA A 131 -8.69 24.48 -26.47
C ALA A 131 -7.22 24.70 -26.15
N ASN A 132 -6.37 24.89 -27.17
CA ASN A 132 -4.96 25.18 -26.98
C ASN A 132 -4.21 24.01 -26.35
N LYS A 133 -4.67 22.79 -26.59
CA LYS A 133 -4.02 21.58 -26.11
C LYS A 133 -3.87 20.61 -27.28
N ALA A 134 -3.03 19.58 -27.08
CA ALA A 134 -2.85 18.58 -28.12
C ALA A 134 -2.38 17.29 -27.48
N THR A 135 -3.10 16.20 -27.76
CA THR A 135 -2.78 14.88 -27.22
C THR A 135 -2.77 13.88 -28.36
N LEU A 136 -1.65 13.20 -28.55
CA LEU A 136 -1.58 12.04 -29.42
C LEU A 136 -1.88 10.79 -28.59
N VAL A 137 -2.74 9.93 -29.11
CA VAL A 137 -3.29 8.80 -28.36
C VAL A 137 -2.88 7.53 -29.09
N CYS A 138 -2.03 6.72 -28.45
CA CYS A 138 -1.54 5.48 -29.02
C CYS A 138 -2.13 4.31 -28.25
N LEU A 139 -2.98 3.54 -28.92
CA LEU A 139 -3.72 2.45 -28.29
C LEU A 139 -3.17 1.12 -28.80
N ILE A 140 -2.85 0.24 -27.86
CA ILE A 140 -2.05 -0.96 -28.12
C ILE A 140 -2.84 -2.14 -27.59
N SER A 141 -3.12 -3.12 -28.44
CA SER A 141 -4.00 -4.21 -28.04
C SER A 141 -3.54 -5.54 -28.61
N ASP A 142 -4.08 -6.61 -28.04
CA ASP A 142 -3.98 -7.96 -28.57
C ASP A 142 -2.54 -8.50 -28.54
N PHE A 143 -1.73 -8.11 -27.57
CA PHE A 143 -0.37 -8.65 -27.51
C PHE A 143 -0.22 -9.62 -26.34
N TYR A 144 0.68 -10.58 -26.54
CA TYR A 144 1.05 -11.58 -25.55
C TYR A 144 2.45 -12.08 -25.91
N PRO A 145 3.39 -12.19 -24.95
CA PRO A 145 3.29 -11.89 -23.51
C PRO A 145 2.98 -10.42 -23.21
N GLY A 146 2.65 -10.13 -21.95
CA GLY A 146 2.13 -8.82 -21.60
C GLY A 146 3.18 -7.79 -21.24
N ALA A 147 4.10 -7.50 -22.17
CA ALA A 147 5.11 -6.49 -21.94
C ALA A 147 5.44 -5.83 -23.27
N VAL A 148 5.42 -4.49 -23.27
CA VAL A 148 5.81 -3.71 -24.43
C VAL A 148 6.60 -2.51 -23.94
N THR A 149 7.41 -1.94 -24.83
CA THR A 149 8.01 -0.64 -24.62
C THR A 149 7.58 0.27 -25.75
N VAL A 150 7.35 1.54 -25.44
CA VAL A 150 6.81 2.51 -26.38
C VAL A 150 7.80 3.65 -26.54
N ALA A 151 8.07 4.01 -27.79
CA ALA A 151 8.92 5.14 -28.13
C ALA A 151 8.15 6.05 -29.09
N TRP A 152 8.23 7.35 -28.84
CA TRP A 152 7.62 8.34 -29.70
C TRP A 152 8.68 9.08 -30.51
N LYS A 153 8.39 9.33 -31.77
CA LYS A 153 9.27 10.08 -32.65
C LYS A 153 8.56 11.32 -33.15
N ALA A 154 9.29 12.44 -33.19
CA ALA A 154 8.85 13.66 -33.88
C ALA A 154 9.64 13.70 -35.19
N ASP A 155 8.93 13.53 -36.31
CA ASP A 155 9.57 13.20 -37.57
C ASP A 155 10.35 11.90 -37.36
N SER A 156 11.68 12.00 -37.27
CA SER A 156 12.51 10.83 -36.98
C SER A 156 13.31 10.99 -35.70
N SER A 157 13.07 12.08 -34.93
CA SER A 157 13.84 12.33 -33.72
C SER A 157 13.09 11.82 -32.49
N PRO A 158 13.81 11.34 -31.48
CA PRO A 158 13.13 10.84 -30.28
C PRO A 158 12.48 11.96 -29.48
N VAL A 159 11.29 11.67 -28.95
CA VAL A 159 10.60 12.53 -28.01
C VAL A 159 10.56 11.82 -26.67
N LYS A 160 11.06 12.47 -25.63
CA LYS A 160 10.96 11.95 -24.27
C LYS A 160 9.96 12.70 -23.41
N ALA A 161 9.89 14.02 -23.54
CA ALA A 161 9.00 14.81 -22.70
C ALA A 161 7.55 14.63 -23.12
N GLY A 162 6.67 14.68 -22.13
CA GLY A 162 5.23 14.65 -22.38
C GLY A 162 4.64 13.28 -22.61
N VAL A 163 5.38 12.21 -22.34
CA VAL A 163 4.93 10.85 -22.61
C VAL A 163 4.45 10.22 -21.31
N GLU A 164 3.25 9.65 -21.34
CA GLU A 164 2.72 8.83 -20.25
C GLU A 164 2.18 7.54 -20.84
N THR A 165 2.64 6.41 -20.30
CA THR A 165 2.28 5.10 -20.81
C THR A 165 1.75 4.25 -19.66
N THR A 166 0.67 3.51 -19.93
CA THR A 166 0.07 2.69 -18.89
C THR A 166 0.83 1.37 -18.74
N THR A 167 0.64 0.74 -17.60
CA THR A 167 1.01 -0.66 -17.46
C THR A 167 0.15 -1.49 -18.41
N PRO A 168 0.65 -2.65 -18.86
CA PRO A 168 -0.20 -3.55 -19.65
C PRO A 168 -1.25 -4.19 -18.76
N SER A 169 -2.40 -4.48 -19.36
CA SER A 169 -3.52 -5.06 -18.62
C SER A 169 -4.22 -6.11 -19.48
N LYS A 170 -4.71 -7.15 -18.83
CA LYS A 170 -5.41 -8.22 -19.53
C LYS A 170 -6.70 -7.71 -20.18
N GLN A 171 -6.91 -8.11 -21.43
CA GLN A 171 -8.18 -7.96 -22.11
C GLN A 171 -9.07 -9.16 -21.76
N SER A 172 -10.18 -9.31 -22.47
CA SER A 172 -11.07 -10.44 -22.26
C SER A 172 -10.75 -11.63 -23.16
N ASN A 173 -9.76 -11.51 -24.04
CA ASN A 173 -9.39 -12.57 -24.96
C ASN A 173 -8.03 -13.18 -24.64
N ASN A 174 -7.58 -13.08 -23.40
CA ASN A 174 -6.33 -13.62 -22.89
C ASN A 174 -5.12 -12.79 -23.29
N LYS A 175 -5.29 -11.78 -24.13
CA LYS A 175 -4.19 -10.93 -24.55
C LYS A 175 -4.20 -9.64 -23.72
N TYR A 176 -3.24 -8.76 -24.00
CA TYR A 176 -2.99 -7.59 -23.19
C TYR A 176 -3.22 -6.33 -24.00
N ALA A 177 -3.49 -5.24 -23.27
CA ALA A 177 -3.67 -3.92 -23.85
C ALA A 177 -2.84 -2.92 -23.07
N ALA A 178 -2.51 -1.81 -23.73
CA ALA A 178 -1.84 -0.69 -23.10
C ALA A 178 -2.15 0.55 -23.94
N SER A 179 -1.86 1.71 -23.36
CA SER A 179 -2.03 2.96 -24.08
C SER A 179 -0.90 3.92 -23.71
N SER A 180 -0.55 4.77 -24.66
CA SER A 180 0.49 5.77 -24.47
C SER A 180 -0.02 7.10 -24.99
N TYR A 181 0.19 8.16 -24.21
CA TYR A 181 -0.28 9.50 -24.52
C TYR A 181 0.91 10.44 -24.64
N LEU A 182 0.99 11.18 -25.73
CA LEU A 182 1.99 12.22 -25.91
C LEU A 182 1.31 13.57 -25.86
N SER A 183 1.68 14.40 -24.89
CA SER A 183 1.13 15.74 -24.74
C SER A 183 2.07 16.73 -25.41
N LEU A 184 1.53 17.54 -26.32
CA LEU A 184 2.27 18.54 -27.06
C LEU A 184 1.54 19.87 -27.00
N THR A 185 2.26 20.95 -27.32
CA THR A 185 1.56 22.18 -27.63
C THR A 185 1.03 22.12 -29.05
N PRO A 186 -0.04 22.84 -29.36
CA PRO A 186 -0.47 22.91 -30.76
C PRO A 186 0.65 23.37 -31.68
N GLU A 187 1.52 24.25 -31.20
CA GLU A 187 2.64 24.73 -32.01
C GLU A 187 3.61 23.59 -32.32
N GLN A 188 4.00 22.82 -31.30
CA GLN A 188 4.87 21.67 -31.52
C GLN A 188 4.25 20.70 -32.52
N TRP A 189 2.96 20.39 -32.33
CA TRP A 189 2.28 19.42 -33.19
C TRP A 189 2.34 19.85 -34.65
N LYS A 190 2.05 21.12 -34.93
CA LYS A 190 2.03 21.60 -36.30
C LYS A 190 3.43 21.84 -36.86
N SER A 191 4.45 21.95 -36.01
CA SER A 191 5.79 22.30 -36.48
C SER A 191 6.56 21.13 -37.05
N HIS A 192 6.02 19.91 -36.96
CA HIS A 192 6.68 18.72 -37.51
C HIS A 192 5.85 18.14 -38.63
N ARG A 193 6.51 17.39 -39.51
CA ARG A 193 5.80 16.75 -40.61
C ARG A 193 5.01 15.53 -40.16
N SER A 194 5.46 14.85 -39.12
CA SER A 194 4.73 13.69 -38.63
C SER A 194 5.22 13.31 -37.25
N TYR A 195 4.40 12.55 -36.55
CA TYR A 195 4.75 11.92 -35.29
C TYR A 195 4.47 10.42 -35.42
N SER A 196 5.26 9.61 -34.72
CA SER A 196 5.11 8.17 -34.78
C SER A 196 5.09 7.59 -33.37
N CYS A 197 4.24 6.59 -33.17
CA CYS A 197 4.21 5.79 -31.96
C CYS A 197 4.77 4.42 -32.32
N GLN A 198 5.91 4.07 -31.73
CA GLN A 198 6.62 2.83 -32.03
C GLN A 198 6.54 1.90 -30.82
N VAL A 199 5.94 0.74 -31.01
CA VAL A 199 5.70 -0.22 -29.94
C VAL A 199 6.57 -1.45 -30.18
N THR A 200 7.47 -1.71 -29.24
CA THR A 200 8.37 -2.86 -29.33
C THR A 200 7.85 -3.99 -28.45
N HIS A 201 7.69 -5.17 -29.03
CA HIS A 201 7.17 -6.34 -28.35
C HIS A 201 8.05 -7.54 -28.69
N GLU A 202 8.71 -8.10 -27.68
CA GLU A 202 9.53 -9.29 -27.86
C GLU A 202 10.55 -9.07 -28.99
N GLY A 203 11.17 -7.89 -29.01
CA GLY A 203 12.19 -7.57 -29.99
C GLY A 203 11.69 -7.14 -31.36
N SER A 204 10.38 -7.04 -31.56
CA SER A 204 9.81 -6.62 -32.84
C SER A 204 9.04 -5.32 -32.64
N THR A 205 9.32 -4.33 -33.47
CA THR A 205 8.74 -3.00 -33.32
C THR A 205 7.70 -2.74 -34.40
N VAL A 206 6.50 -2.37 -33.96
CA VAL A 206 5.39 -1.99 -34.83
C VAL A 206 5.11 -0.52 -34.61
N GLU A 207 4.65 0.18 -35.65
CA GLU A 207 4.45 1.62 -35.52
C GLU A 207 3.25 2.09 -36.31
N LYS A 208 2.76 3.26 -35.92
CA LYS A 208 1.82 4.05 -36.71
C LYS A 208 2.30 5.49 -36.71
N THR A 209 1.87 6.22 -37.72
CA THR A 209 2.31 7.60 -37.93
C THR A 209 1.09 8.47 -38.23
N VAL A 210 1.10 9.68 -37.69
CA VAL A 210 0.07 10.68 -37.97
C VAL A 210 0.75 12.00 -38.33
N ALA A 211 0.04 12.83 -39.08
CA ALA A 211 0.56 14.10 -39.57
C ALA A 211 -0.45 15.20 -39.33
N PRO A 212 0.01 16.42 -38.99
CA PRO A 212 -0.95 17.50 -38.72
C PRO A 212 -1.80 17.91 -39.90
N THR A 213 -1.45 17.52 -41.11
CA THR A 213 -2.24 17.89 -42.28
C THR A 213 -3.51 17.03 -42.41
N GLU A 214 -3.57 15.89 -41.74
CA GLU A 214 -4.76 15.06 -41.77
C GLU A 214 -5.91 15.77 -41.07
N CYS A 215 -7.13 15.46 -41.50
CA CYS A 215 -8.32 16.08 -40.94
C CYS A 215 -8.73 15.38 -39.65
N SER A 216 -9.04 16.17 -38.62
CA SER A 216 -9.46 15.63 -37.33
C SER A 216 -10.30 16.61 -36.55
N VAL B 2 -28.40 -13.59 -5.27
CA VAL B 2 -27.75 -13.68 -6.57
C VAL B 2 -27.19 -12.31 -6.97
N GLN B 3 -27.63 -11.26 -6.29
CA GLN B 3 -27.21 -9.90 -6.61
C GLN B 3 -26.69 -9.21 -5.35
N LEU B 4 -25.52 -8.60 -5.48
CA LEU B 4 -24.86 -7.87 -4.39
C LEU B 4 -24.36 -6.56 -4.99
N GLN B 5 -25.15 -5.50 -4.84
CA GLN B 5 -24.90 -4.23 -5.51
C GLN B 5 -24.33 -3.23 -4.52
N GLU B 6 -23.05 -2.90 -4.68
CA GLU B 6 -22.42 -1.89 -3.84
C GLU B 6 -22.77 -0.49 -4.33
N SER B 7 -22.90 0.43 -3.38
CA SER B 7 -23.09 1.83 -3.71
C SER B 7 -22.44 2.67 -2.61
N GLY B 8 -22.13 3.92 -2.97
CA GLY B 8 -21.46 4.81 -2.06
C GLY B 8 -20.51 5.71 -2.82
N PRO B 9 -19.90 6.66 -2.11
CA PRO B 9 -19.01 7.60 -2.78
C PRO B 9 -17.75 6.93 -3.32
N SER B 10 -17.28 7.46 -4.45
CA SER B 10 -15.99 7.06 -5.01
C SER B 10 -14.83 7.84 -4.41
N LEU B 11 -15.11 8.93 -3.69
CA LEU B 11 -14.07 9.80 -3.14
C LEU B 11 -14.45 10.18 -1.71
N VAL B 12 -13.47 10.06 -0.80
CA VAL B 12 -13.66 10.47 0.59
C VAL B 12 -12.37 11.14 1.04
N LYS B 13 -12.50 12.13 1.93
CA LYS B 13 -11.31 12.85 2.36
C LYS B 13 -10.70 12.20 3.60
N PRO B 14 -9.39 12.33 3.78
CA PRO B 14 -8.76 11.80 4.98
C PRO B 14 -9.47 12.32 6.23
N SER B 15 -9.60 11.44 7.24
CA SER B 15 -10.20 11.68 8.53
C SER B 15 -11.72 11.56 8.48
N GLN B 16 -12.34 11.48 7.30
CA GLN B 16 -13.77 11.32 7.22
C GLN B 16 -14.16 9.85 7.40
N THR B 17 -15.47 9.59 7.42
CA THR B 17 -16.01 8.25 7.54
C THR B 17 -16.47 7.79 6.16
N LEU B 18 -16.03 6.61 5.76
CA LEU B 18 -16.47 5.98 4.51
C LEU B 18 -17.72 5.17 4.79
N SER B 19 -18.81 5.50 4.09
CA SER B 19 -20.07 4.78 4.24
C SER B 19 -20.45 4.17 2.90
N LEU B 20 -20.53 2.84 2.87
CA LEU B 20 -20.96 2.12 1.68
C LEU B 20 -22.22 1.34 2.00
N THR B 21 -22.94 0.98 0.94
CA THR B 21 -24.16 0.21 1.07
C THR B 21 -24.14 -0.94 0.08
N CYS B 22 -24.64 -2.10 0.52
CA CYS B 22 -24.80 -3.25 -0.34
C CYS B 22 -26.28 -3.59 -0.38
N THR B 23 -26.88 -3.51 -1.56
CA THR B 23 -28.28 -3.85 -1.76
C THR B 23 -28.32 -5.25 -2.34
N THR B 24 -29.00 -6.16 -1.65
CA THR B 24 -29.02 -7.57 -2.01
C THR B 24 -30.36 -7.92 -2.63
N SER B 25 -30.35 -8.94 -3.49
CA SER B 25 -31.57 -9.43 -4.12
C SER B 25 -31.37 -10.89 -4.47
N GLY B 26 -32.48 -11.61 -4.58
CA GLY B 26 -32.46 -13.00 -4.95
C GLY B 26 -32.25 -13.98 -3.81
N PHE B 27 -32.38 -13.54 -2.56
CA PHE B 27 -32.29 -14.43 -1.41
C PHE B 27 -32.78 -13.68 -0.19
N SER B 28 -33.07 -14.44 0.86
CA SER B 28 -33.53 -13.87 2.13
C SER B 28 -32.34 -13.27 2.86
N LEU B 29 -32.30 -11.94 2.94
CA LEU B 29 -31.19 -11.27 3.61
C LEU B 29 -31.12 -11.67 5.08
N SER B 30 -32.28 -11.85 5.72
CA SER B 30 -32.31 -12.19 7.14
C SER B 30 -31.68 -13.55 7.41
N ASP B 31 -31.50 -14.37 6.37
CA ASP B 31 -31.04 -15.75 6.52
C ASP B 31 -29.73 -16.01 5.78
N LYS B 32 -28.87 -15.00 5.68
CA LYS B 32 -27.60 -15.14 5.00
C LYS B 32 -26.61 -14.13 5.55
N GLY B 33 -25.35 -14.54 5.68
CA GLY B 33 -24.30 -13.63 6.12
C GLY B 33 -23.80 -12.80 4.95
N ILE B 34 -23.57 -11.52 5.20
CA ILE B 34 -22.98 -10.60 4.24
C ILE B 34 -21.74 -10.00 4.87
N ALA B 35 -20.68 -9.89 4.08
CA ALA B 35 -19.41 -9.39 4.60
C ALA B 35 -18.80 -8.44 3.59
N TRP B 36 -17.95 -7.56 4.11
CA TRP B 36 -17.20 -6.62 3.30
C TRP B 36 -15.75 -7.06 3.24
N VAL B 37 -15.22 -7.11 2.02
CA VAL B 37 -13.82 -7.47 1.75
C VAL B 37 -13.28 -6.41 0.81
N ARG B 38 -12.05 -5.96 1.05
CA ARG B 38 -11.45 -4.96 0.18
C ARG B 38 -10.11 -5.46 -0.34
N GLN B 39 -9.63 -4.82 -1.41
CA GLN B 39 -8.33 -5.13 -1.97
C GLN B 39 -7.70 -3.86 -2.49
N ALA B 40 -6.50 -3.57 -2.01
CA ALA B 40 -5.67 -2.53 -2.63
C ALA B 40 -4.95 -3.12 -3.83
N PRO B 41 -4.59 -2.29 -4.82
CA PRO B 41 -3.94 -2.83 -6.02
C PRO B 41 -2.69 -3.63 -5.68
N GLY B 42 -2.66 -4.88 -6.14
CA GLY B 42 -1.52 -5.73 -5.94
C GLY B 42 -1.33 -6.25 -4.53
N LYS B 43 -2.27 -5.99 -3.63
CA LYS B 43 -2.16 -6.40 -2.24
C LYS B 43 -3.18 -7.50 -1.95
N ALA B 44 -3.03 -8.10 -0.77
CA ALA B 44 -3.90 -9.21 -0.38
C ALA B 44 -5.31 -8.68 -0.12
N LEU B 45 -6.28 -9.56 -0.34
CA LEU B 45 -7.63 -9.28 0.11
C LEU B 45 -7.63 -9.07 1.61
N GLU B 46 -8.48 -8.17 2.09
CA GLU B 46 -8.55 -7.84 3.51
C GLU B 46 -9.99 -7.93 3.99
N TRP B 47 -10.21 -8.75 5.00
CA TRP B 47 -11.52 -8.87 5.64
C TRP B 47 -11.80 -7.63 6.48
N LEU B 48 -12.98 -7.04 6.28
CA LEU B 48 -13.39 -5.88 7.06
C LEU B 48 -14.38 -6.22 8.17
N GLY B 49 -15.36 -7.05 7.87
CA GLY B 49 -16.38 -7.41 8.84
C GLY B 49 -17.60 -7.98 8.15
N SER B 50 -18.43 -8.65 8.93
CA SER B 50 -19.65 -9.23 8.42
C SER B 50 -20.82 -8.88 9.33
N THR B 51 -22.01 -9.28 8.89
CA THR B 51 -23.25 -9.05 9.61
C THR B 51 -23.39 -9.94 10.84
N ASP B 52 -22.45 -10.85 11.09
CA ASP B 52 -22.56 -11.81 12.18
C ASP B 52 -21.18 -12.01 12.77
N THR B 53 -20.87 -11.27 13.83
CA THR B 53 -19.58 -11.37 14.51
C THR B 53 -19.64 -12.40 15.62
N THR B 54 -18.61 -13.21 15.72
CA THR B 54 -18.50 -14.25 16.74
C THR B 54 -17.13 -14.17 17.40
N GLY B 55 -17.04 -14.76 18.58
CA GLY B 55 -15.84 -14.57 19.39
C GLY B 55 -15.81 -13.17 19.96
N SER B 56 -14.63 -12.79 20.44
CA SER B 56 -14.46 -11.46 21.02
C SER B 56 -12.97 -11.12 21.00
N THR B 57 -12.51 -10.56 19.89
CA THR B 57 -11.14 -10.11 19.76
C THR B 57 -11.06 -9.11 18.62
N ASN B 58 -9.99 -8.31 18.63
CA ASN B 58 -9.69 -7.38 17.55
C ASN B 58 -8.53 -7.97 16.76
N TYR B 59 -8.87 -8.80 15.78
CA TYR B 59 -7.88 -9.49 14.96
C TYR B 59 -7.24 -8.59 13.91
N ASN B 60 -7.33 -7.27 14.08
CA ASN B 60 -6.74 -6.34 13.10
C ASN B 60 -6.52 -4.98 13.76
N PRO B 61 -5.28 -4.64 14.12
CA PRO B 61 -5.03 -3.33 14.74
C PRO B 61 -5.46 -2.16 13.87
N GLY B 62 -5.24 -2.25 12.56
CA GLY B 62 -5.61 -1.15 11.69
C GLY B 62 -7.09 -0.87 11.69
N LEU B 63 -7.91 -1.93 11.70
CA LEU B 63 -9.35 -1.83 11.72
C LEU B 63 -9.92 -1.94 13.14
N LYS B 64 -9.10 -1.67 14.15
CA LYS B 64 -9.55 -1.77 15.54
C LYS B 64 -10.60 -0.70 15.80
N SER B 65 -11.86 -1.12 15.83
CA SER B 65 -12.99 -0.27 16.19
C SER B 65 -13.25 0.82 15.16
N ARG B 66 -12.85 0.62 13.91
CA ARG B 66 -13.18 1.55 12.83
C ARG B 66 -14.31 1.05 11.95
N VAL B 67 -14.70 -0.22 12.08
CA VAL B 67 -15.65 -0.85 11.17
C VAL B 67 -16.97 -1.08 11.90
N ILE B 68 -18.06 -0.71 11.26
CA ILE B 68 -19.41 -1.10 11.69
C ILE B 68 -20.14 -1.64 10.47
N VAL B 69 -20.71 -2.83 10.61
CA VAL B 69 -21.54 -3.46 9.58
C VAL B 69 -22.91 -3.69 10.17
N THR B 70 -23.95 -3.23 9.47
CA THR B 70 -25.32 -3.39 9.93
C THR B 70 -26.21 -3.90 8.79
N LYS B 71 -27.36 -4.43 9.19
CA LYS B 71 -28.35 -4.97 8.27
C LYS B 71 -29.63 -4.18 8.44
N ASP B 72 -30.18 -3.66 7.34
CA ASP B 72 -31.49 -3.01 7.33
C ASP B 72 -32.42 -3.91 6.52
N ASN B 73 -33.16 -4.76 7.22
CA ASN B 73 -34.00 -5.74 6.54
C ASN B 73 -35.13 -5.07 5.76
N SER B 74 -35.55 -3.87 6.16
CA SER B 74 -36.62 -3.20 5.43
C SER B 74 -36.18 -2.71 4.07
N LYS B 75 -34.87 -2.59 3.85
CA LYS B 75 -34.33 -2.11 2.58
C LYS B 75 -33.46 -3.15 1.89
N SER B 76 -33.34 -4.36 2.44
CA SER B 76 -32.45 -5.39 1.92
C SER B 76 -31.05 -4.82 1.71
N GLN B 77 -30.60 -4.03 2.68
CA GLN B 77 -29.31 -3.35 2.60
C GLN B 77 -28.41 -3.78 3.75
N VAL B 78 -27.13 -3.91 3.45
CA VAL B 78 -26.07 -4.10 4.43
C VAL B 78 -25.13 -2.91 4.31
N SER B 79 -24.82 -2.29 5.44
CA SER B 79 -24.01 -1.09 5.46
C SER B 79 -22.59 -1.42 5.89
N LEU B 80 -21.66 -0.57 5.46
CA LEU B 80 -20.30 -0.53 5.98
C LEU B 80 -20.01 0.90 6.41
N SER B 81 -19.50 1.07 7.60
CA SER B 81 -18.93 2.32 8.06
C SER B 81 -17.47 2.08 8.42
N LEU B 82 -16.58 2.88 7.82
CA LEU B 82 -15.15 2.83 8.13
C LEU B 82 -14.73 4.24 8.52
N SER B 83 -14.43 4.44 9.80
CA SER B 83 -14.17 5.76 10.33
C SER B 83 -12.70 6.15 10.19
N SER B 84 -12.46 7.47 10.28
CA SER B 84 -11.12 8.04 10.31
C SER B 84 -10.22 7.44 9.22
N VAL B 85 -10.69 7.55 7.98
CA VAL B 85 -9.96 6.97 6.87
C VAL B 85 -8.65 7.71 6.64
N THR B 86 -7.65 7.00 6.17
CA THR B 86 -6.41 7.57 5.66
C THR B 86 -6.24 7.10 4.22
N ILE B 87 -5.21 7.62 3.55
CA ILE B 87 -4.99 7.25 2.16
C ILE B 87 -4.78 5.76 2.03
N ALA B 88 -4.35 5.08 3.11
CA ALA B 88 -4.19 3.64 3.10
C ALA B 88 -5.50 2.89 2.92
N ASP B 89 -6.64 3.54 3.17
CA ASP B 89 -7.93 2.90 2.99
C ASP B 89 -8.43 2.96 1.55
N SER B 90 -7.68 3.56 0.64
CA SER B 90 -8.01 3.49 -0.78
C SER B 90 -7.95 2.03 -1.23
N ALA B 91 -9.03 1.57 -1.87
CA ALA B 91 -9.13 0.17 -2.26
C ALA B 91 -10.43 -0.05 -3.00
N THR B 92 -10.56 -1.23 -3.61
CA THR B 92 -11.83 -1.71 -4.13
C THR B 92 -12.54 -2.47 -3.01
N TYR B 93 -13.78 -2.07 -2.72
CA TYR B 93 -14.57 -2.64 -1.64
C TYR B 93 -15.61 -3.58 -2.23
N TYR B 94 -15.62 -4.82 -1.75
CA TYR B 94 -16.52 -5.85 -2.24
C TYR B 94 -17.57 -6.19 -1.20
N CYS B 95 -18.83 -6.20 -1.63
CA CYS B 95 -19.88 -6.87 -0.86
C CYS B 95 -19.85 -8.35 -1.20
N THR B 96 -19.95 -9.20 -0.18
CA THR B 96 -19.89 -10.64 -0.38
C THR B 96 -20.99 -11.33 0.42
N ALA B 97 -21.40 -12.49 -0.08
CA ALA B 97 -22.23 -13.44 0.68
C ALA B 97 -21.32 -14.53 1.23
N VAL B 98 -21.43 -14.80 2.52
CA VAL B 98 -20.52 -15.70 3.20
C VAL B 98 -21.29 -16.83 3.87
N VAL B 99 -20.62 -17.96 4.03
CA VAL B 99 -21.05 -19.04 4.91
C VAL B 99 -20.17 -18.98 6.15
N GLN B 100 -20.80 -18.94 7.33
CA GLN B 100 -20.10 -18.90 8.61
C GLN B 100 -20.66 -20.00 9.50
N GLU B 101 -19.83 -20.97 9.85
CA GLU B 101 -20.23 -22.10 10.67
C GLU B 101 -19.14 -22.44 11.67
N THR B 102 -19.56 -23.00 12.82
CA THR B 102 -18.67 -23.69 13.74
C THR B 102 -19.00 -25.18 13.64
N ARG B 103 -18.04 -25.97 13.16
CA ARG B 103 -18.32 -27.34 12.77
C ARG B 103 -18.00 -28.37 13.84
N LYS B 104 -17.07 -28.08 14.75
CA LYS B 104 -16.70 -29.04 15.78
C LYS B 104 -16.33 -30.39 15.17
N SER B 141 -14.86 -33.36 21.12
CA SER B 141 -15.10 -32.56 19.91
C SER B 141 -14.34 -31.23 19.98
N THR B 142 -13.68 -30.88 18.88
CA THR B 142 -12.87 -29.67 18.80
C THR B 142 -13.49 -28.70 17.81
N ASP B 143 -13.72 -27.46 18.24
CA ASP B 143 -14.37 -26.47 17.40
C ASP B 143 -13.45 -26.03 16.28
N ARG B 144 -13.88 -26.26 15.03
CA ARG B 144 -13.20 -25.77 13.85
C ARG B 144 -14.09 -24.75 13.16
N TYR B 145 -13.49 -23.66 12.69
CA TYR B 145 -14.23 -22.51 12.19
C TYR B 145 -14.30 -22.54 10.67
N GLU B 146 -15.52 -22.45 10.15
CA GLU B 146 -15.80 -22.52 8.73
C GLU B 146 -16.22 -21.14 8.24
N LEU B 147 -15.46 -20.57 7.31
CA LEU B 147 -15.79 -19.28 6.74
C LEU B 147 -15.29 -19.25 5.30
N HIS B 148 -16.21 -19.12 4.34
CA HIS B 148 -15.82 -18.89 2.96
C HIS B 148 -16.84 -17.97 2.30
N VAL B 149 -16.37 -17.28 1.26
CA VAL B 149 -17.23 -16.42 0.46
C VAL B 149 -17.91 -17.28 -0.61
N ASP B 150 -19.23 -17.20 -0.66
CA ASP B 150 -20.03 -17.91 -1.66
C ASP B 150 -20.23 -17.10 -2.92
N ALA B 151 -20.40 -15.78 -2.78
CA ALA B 151 -20.67 -14.91 -3.93
C ALA B 151 -20.02 -13.56 -3.70
N TRP B 152 -19.53 -12.96 -4.79
CA TRP B 152 -18.81 -11.69 -4.75
C TRP B 152 -19.54 -10.66 -5.59
N GLY B 153 -19.66 -9.44 -5.06
CA GLY B 153 -20.10 -8.32 -5.85
C GLY B 153 -19.03 -7.87 -6.81
N GLN B 154 -19.39 -6.90 -7.65
CA GLN B 154 -18.43 -6.39 -8.64
C GLN B 154 -17.36 -5.52 -8.00
N GLY B 155 -17.61 -5.00 -6.80
CA GLY B 155 -16.64 -4.13 -6.16
C GLY B 155 -16.85 -2.68 -6.51
N LEU B 156 -16.55 -1.81 -5.56
CA LEU B 156 -16.71 -0.37 -5.71
C LEU B 156 -15.37 0.29 -5.38
N LEU B 157 -14.85 1.08 -6.31
CA LEU B 157 -13.57 1.71 -6.10
C LEU B 157 -13.72 2.94 -5.21
N VAL B 158 -12.90 3.03 -4.18
CA VAL B 158 -12.91 4.16 -3.26
C VAL B 158 -11.51 4.74 -3.19
N THR B 159 -11.38 6.02 -3.53
CA THR B 159 -10.14 6.76 -3.40
C THR B 159 -10.25 7.70 -2.21
N VAL B 160 -9.31 7.60 -1.28
CA VAL B 160 -9.20 8.54 -0.18
C VAL B 160 -8.21 9.62 -0.57
N SER B 161 -8.69 10.86 -0.69
CA SER B 161 -7.86 11.97 -1.12
C SER B 161 -8.54 13.27 -0.73
N SER B 162 -7.72 14.32 -0.54
CA SER B 162 -8.24 15.67 -0.32
C SER B 162 -8.46 16.42 -1.63
N ALA B 163 -7.95 15.91 -2.75
CA ALA B 163 -8.15 16.58 -4.03
C ALA B 163 -9.63 16.64 -4.38
N SER B 164 -10.03 17.75 -5.00
CA SER B 164 -11.41 17.91 -5.41
C SER B 164 -11.71 17.05 -6.65
N THR B 165 -12.98 16.68 -6.80
CA THR B 165 -13.39 15.98 -8.00
C THR B 165 -13.27 16.90 -9.20
N LYS B 166 -12.96 16.32 -10.36
CA LYS B 166 -12.88 17.07 -11.61
C LYS B 166 -13.46 16.21 -12.71
N GLY B 167 -14.42 16.77 -13.45
CA GLY B 167 -15.02 16.06 -14.56
C GLY B 167 -14.12 16.08 -15.78
N PRO B 168 -14.29 15.09 -16.66
CA PRO B 168 -13.43 15.01 -17.84
C PRO B 168 -13.84 15.99 -18.93
N SER B 169 -12.87 16.34 -19.76
CA SER B 169 -13.14 16.88 -21.08
C SER B 169 -13.17 15.70 -22.05
N VAL B 170 -14.14 15.70 -22.95
CA VAL B 170 -14.34 14.59 -23.87
C VAL B 170 -14.11 15.10 -25.28
N PHE B 171 -13.23 14.43 -26.01
CA PHE B 171 -12.92 14.82 -27.38
C PHE B 171 -13.16 13.65 -28.31
N PRO B 172 -13.69 13.90 -29.51
CA PRO B 172 -13.86 12.81 -30.48
C PRO B 172 -12.54 12.47 -31.14
N LEU B 173 -12.35 11.18 -31.37
CA LEU B 173 -11.20 10.67 -32.11
C LEU B 173 -11.74 10.16 -33.43
N ALA B 174 -11.64 11.02 -34.46
CA ALA B 174 -12.32 10.75 -35.72
C ALA B 174 -11.69 9.57 -36.45
N PRO B 175 -12.50 8.77 -37.15
CA PRO B 175 -11.93 7.73 -38.01
C PRO B 175 -11.20 8.33 -39.19
N SER B 176 -10.06 7.76 -39.52
CA SER B 176 -9.22 8.27 -40.59
C SER B 176 -9.46 7.45 -41.87
N SER B 177 -8.49 7.47 -42.78
CA SER B 177 -8.60 6.75 -44.04
C SER B 177 -8.27 5.27 -43.86
N SER B 181 -8.72 -0.24 -44.91
CA SER B 181 -8.03 -0.99 -43.87
C SER B 181 -8.84 -2.24 -43.50
N GLY B 182 -8.79 -3.25 -44.38
CA GLY B 182 -9.57 -4.45 -44.16
C GLY B 182 -11.06 -4.21 -44.06
N GLY B 183 -11.54 -3.08 -44.58
CA GLY B 183 -12.95 -2.76 -44.54
C GLY B 183 -13.45 -2.20 -43.22
N THR B 184 -12.56 -1.98 -42.25
CA THR B 184 -12.97 -1.49 -40.94
C THR B 184 -12.31 -0.14 -40.66
N ALA B 185 -12.95 0.62 -39.77
CA ALA B 185 -12.44 1.90 -39.32
C ALA B 185 -12.47 1.95 -37.80
N ALA B 186 -11.50 2.65 -37.22
CA ALA B 186 -11.41 2.82 -35.78
C ALA B 186 -11.74 4.26 -35.43
N LEU B 187 -12.74 4.44 -34.56
CA LEU B 187 -13.10 5.75 -34.04
C LEU B 187 -13.21 5.65 -32.53
N GLY B 188 -13.09 6.78 -31.86
CA GLY B 188 -13.05 6.71 -30.42
C GLY B 188 -13.35 8.02 -29.75
N CYS B 189 -13.20 8.02 -28.44
CA CYS B 189 -13.40 9.20 -27.61
CA CYS B 189 -13.36 9.22 -27.64
C CYS B 189 -12.27 9.26 -26.60
N LEU B 190 -11.70 10.45 -26.44
CA LEU B 190 -10.67 10.71 -25.44
C LEU B 190 -11.34 11.35 -24.23
N VAL B 191 -11.17 10.74 -23.08
CA VAL B 191 -11.77 11.19 -21.82
C VAL B 191 -10.62 11.71 -20.98
N LYS B 192 -10.46 13.03 -20.94
CA LYS B 192 -9.21 13.67 -20.55
C LYS B 192 -9.35 14.37 -19.19
N ASP B 193 -8.37 14.14 -18.32
CA ASP B 193 -8.12 14.96 -17.13
C ASP B 193 -9.33 14.96 -16.18
N TYR B 194 -9.58 13.79 -15.60
CA TYR B 194 -10.63 13.63 -14.60
C TYR B 194 -10.06 13.06 -13.32
N PHE B 195 -10.82 13.24 -12.22
CA PHE B 195 -10.45 12.69 -10.93
C PHE B 195 -11.69 12.61 -10.07
N PRO B 196 -11.92 11.51 -9.35
CA PRO B 196 -11.13 10.28 -9.29
C PRO B 196 -11.60 9.27 -10.32
N GLU B 197 -10.99 8.09 -10.36
CA GLU B 197 -11.61 6.95 -11.01
C GLU B 197 -12.92 6.64 -10.28
N PRO B 198 -13.87 5.97 -10.94
CA PRO B 198 -13.85 5.48 -12.33
C PRO B 198 -14.64 6.34 -13.29
N VAL B 199 -14.47 6.03 -14.58
CA VAL B 199 -15.28 6.58 -15.66
C VAL B 199 -15.88 5.41 -16.41
N THR B 200 -17.11 5.56 -16.89
CA THR B 200 -17.73 4.56 -17.75
C THR B 200 -17.98 5.18 -19.12
N VAL B 201 -17.82 4.36 -20.16
CA VAL B 201 -18.05 4.77 -21.53
C VAL B 201 -18.91 3.71 -22.20
N SER B 202 -20.02 4.14 -22.77
CA SER B 202 -20.83 3.31 -23.66
C SER B 202 -20.90 4.00 -25.02
N TRP B 203 -21.41 3.27 -26.00
CA TRP B 203 -21.54 3.80 -27.36
C TRP B 203 -22.98 3.62 -27.80
N ASN B 204 -23.55 4.69 -28.37
CA ASN B 204 -24.93 4.69 -28.84
C ASN B 204 -25.88 4.19 -27.75
N SER B 205 -25.64 4.67 -26.53
CA SER B 205 -26.53 4.41 -25.40
C SER B 205 -26.61 2.93 -25.06
N GLY B 206 -25.54 2.19 -25.33
CA GLY B 206 -25.50 0.77 -25.05
C GLY B 206 -25.85 -0.12 -26.23
N ALA B 207 -26.42 0.44 -27.29
CA ALA B 207 -26.81 -0.38 -28.44
C ALA B 207 -25.61 -0.99 -29.15
N LEU B 208 -24.43 -0.37 -29.04
CA LEU B 208 -23.23 -0.81 -29.73
C LEU B 208 -22.25 -1.36 -28.70
N THR B 209 -21.96 -2.66 -28.79
CA THR B 209 -21.05 -3.30 -27.85
C THR B 209 -19.96 -4.07 -28.60
N SER B 210 -20.30 -4.65 -29.75
CA SER B 210 -19.33 -5.37 -30.53
C SER B 210 -18.25 -4.41 -31.03
N GLY B 211 -16.99 -4.84 -30.91
CA GLY B 211 -15.87 -4.04 -31.37
C GLY B 211 -15.52 -2.86 -30.49
N VAL B 212 -16.13 -2.74 -29.32
CA VAL B 212 -15.80 -1.67 -28.38
C VAL B 212 -14.63 -2.10 -27.52
N HIS B 213 -13.67 -1.21 -27.34
CA HIS B 213 -12.53 -1.47 -26.47
C HIS B 213 -12.24 -0.18 -25.70
N THR B 214 -12.55 -0.19 -24.41
CA THR B 214 -12.25 0.93 -23.52
C THR B 214 -10.99 0.60 -22.74
N PHE B 215 -10.02 1.47 -22.84
CA PHE B 215 -8.70 1.18 -22.29
C PHE B 215 -8.59 1.69 -20.86
N PRO B 216 -7.85 1.00 -20.00
CA PRO B 216 -7.58 1.52 -18.67
C PRO B 216 -6.91 2.89 -18.73
N ALA B 217 -7.15 3.68 -17.70
CA ALA B 217 -6.71 5.07 -17.69
C ALA B 217 -5.21 5.17 -17.43
N VAL B 218 -4.62 6.23 -17.92
CA VAL B 218 -3.28 6.65 -17.53
C VAL B 218 -3.43 7.65 -16.38
N LEU B 219 -2.48 7.64 -15.47
CA LEU B 219 -2.43 8.60 -14.37
C LEU B 219 -1.24 9.53 -14.63
N GLN B 220 -1.52 10.82 -14.74
CA GLN B 220 -0.50 11.80 -15.07
C GLN B 220 0.05 12.42 -13.79
N SER B 221 1.22 13.06 -13.94
CA SER B 221 1.87 13.69 -12.80
C SER B 221 1.01 14.78 -12.17
N SER B 222 0.05 15.33 -12.92
CA SER B 222 -0.92 16.25 -12.36
C SER B 222 -1.86 15.59 -11.36
N GLY B 223 -1.87 14.27 -11.29
CA GLY B 223 -2.82 13.56 -10.46
C GLY B 223 -4.15 13.29 -11.13
N LEU B 224 -4.30 13.66 -12.40
CA LEU B 224 -5.52 13.49 -13.15
C LEU B 224 -5.39 12.30 -14.10
N TYR B 225 -6.53 11.65 -14.36
CA TYR B 225 -6.58 10.48 -15.22
C TYR B 225 -7.05 10.86 -16.63
N SER B 226 -6.63 10.05 -17.60
CA SER B 226 -7.18 10.10 -18.95
C SER B 226 -7.34 8.68 -19.45
N LEU B 227 -8.41 8.42 -20.19
CA LEU B 227 -8.57 7.14 -20.86
C LEU B 227 -9.17 7.38 -22.24
N SER B 228 -9.21 6.31 -23.02
CA SER B 228 -9.79 6.35 -24.35
C SER B 228 -10.64 5.12 -24.55
N SER B 229 -11.71 5.29 -25.32
CA SER B 229 -12.55 4.20 -25.77
C SER B 229 -12.58 4.22 -27.30
N VAL B 230 -12.34 3.06 -27.91
CA VAL B 230 -12.34 2.94 -29.36
C VAL B 230 -13.34 1.87 -29.76
N VAL B 231 -14.04 2.12 -30.86
CA VAL B 231 -14.95 1.15 -31.45
C VAL B 231 -14.51 0.91 -32.88
N THR B 232 -14.43 -0.36 -33.26
CA THR B 232 -14.06 -0.75 -34.62
C THR B 232 -15.35 -1.09 -35.37
N VAL B 233 -15.53 -0.47 -36.53
CA VAL B 233 -16.78 -0.59 -37.28
C VAL B 233 -16.45 -0.80 -38.76
N PRO B 234 -17.43 -1.27 -39.53
CA PRO B 234 -17.23 -1.36 -40.98
C PRO B 234 -17.05 0.03 -41.59
N SER B 235 -16.03 0.18 -42.42
CA SER B 235 -15.81 1.45 -43.10
C SER B 235 -17.04 1.88 -43.88
N SER B 236 -17.78 0.93 -44.45
CA SER B 236 -18.95 1.26 -45.25
C SER B 236 -20.05 1.91 -44.42
N SER B 237 -20.08 1.66 -43.11
CA SER B 237 -21.14 2.18 -42.27
C SER B 237 -20.94 3.64 -41.89
N LEU B 238 -19.80 4.24 -42.21
CA LEU B 238 -19.52 5.60 -41.76
C LEU B 238 -20.45 6.63 -42.37
N GLY B 239 -21.05 6.33 -43.52
CA GLY B 239 -21.97 7.24 -44.18
C GLY B 239 -23.44 6.99 -43.92
N THR B 240 -23.76 5.99 -43.10
CA THR B 240 -25.15 5.67 -42.80
C THR B 240 -25.40 5.42 -41.32
N GLN B 241 -24.37 5.46 -40.48
CA GLN B 241 -24.49 5.13 -39.06
C GLN B 241 -23.88 6.25 -38.24
N THR B 242 -24.62 6.70 -37.23
CA THR B 242 -24.14 7.70 -36.29
C THR B 242 -23.51 7.01 -35.09
N TYR B 243 -22.39 7.57 -34.61
CA TYR B 243 -21.65 7.00 -33.50
C TYR B 243 -21.49 8.06 -32.42
N ILE B 244 -21.98 7.76 -31.22
CA ILE B 244 -21.95 8.66 -30.09
C ILE B 244 -21.40 7.90 -28.89
N CYS B 245 -20.37 8.44 -28.25
CA CYS B 245 -19.85 7.87 -27.02
CA CYS B 245 -19.85 7.88 -27.01
C CYS B 245 -20.51 8.57 -25.83
N ASN B 246 -20.99 7.78 -24.89
CA ASN B 246 -21.68 8.29 -23.71
C ASN B 246 -20.73 8.14 -22.53
N VAL B 247 -20.21 9.26 -22.05
CA VAL B 247 -19.24 9.28 -20.97
C VAL B 247 -19.95 9.70 -19.69
N ASN B 248 -19.75 8.94 -18.63
CA ASN B 248 -20.38 9.21 -17.33
C ASN B 248 -19.31 9.16 -16.26
N HIS B 249 -19.09 10.29 -15.60
CA HIS B 249 -18.18 10.40 -14.46
C HIS B 249 -19.03 10.73 -13.24
N LYS B 250 -19.44 9.69 -12.52
CA LYS B 250 -20.37 9.88 -11.40
C LYS B 250 -19.81 10.84 -10.34
N PRO B 251 -18.56 10.73 -9.91
CA PRO B 251 -18.10 11.56 -8.78
C PRO B 251 -18.26 13.05 -9.02
N SER B 252 -18.30 13.50 -10.27
CA SER B 252 -18.47 14.92 -10.58
C SER B 252 -19.81 15.21 -11.26
N ASN B 253 -20.72 14.23 -11.30
CA ASN B 253 -22.00 14.39 -11.98
C ASN B 253 -21.79 14.95 -13.39
N THR B 254 -20.81 14.40 -14.10
CA THR B 254 -20.50 14.79 -15.46
C THR B 254 -21.01 13.71 -16.41
N LYS B 255 -21.87 14.10 -17.34
CA LYS B 255 -22.39 13.21 -18.37
C LYS B 255 -22.27 13.93 -19.70
N VAL B 256 -21.55 13.33 -20.64
CA VAL B 256 -21.25 13.94 -21.93
C VAL B 256 -21.57 12.94 -23.02
N ASP B 257 -22.32 13.36 -24.03
CA ASP B 257 -22.60 12.58 -25.23
C ASP B 257 -21.88 13.26 -26.39
N LYS B 258 -20.85 12.61 -26.92
CA LYS B 258 -20.01 13.20 -27.95
C LYS B 258 -20.18 12.42 -29.25
N LYS B 259 -20.58 13.12 -30.30
CA LYS B 259 -20.69 12.51 -31.61
C LYS B 259 -19.30 12.41 -32.23
N VAL B 260 -19.00 11.25 -32.81
CA VAL B 260 -17.71 10.98 -33.44
C VAL B 260 -17.97 10.67 -34.90
N GLU B 261 -17.41 11.48 -35.78
CA GLU B 261 -17.69 11.39 -37.20
C GLU B 261 -16.41 11.61 -37.98
N PRO B 262 -16.35 11.13 -39.22
CA PRO B 262 -15.23 11.50 -40.10
C PRO B 262 -15.14 13.01 -40.24
N LYS B 263 -13.92 13.51 -40.38
CA LYS B 263 -13.68 14.94 -40.53
C LYS B 263 -13.08 15.22 -41.90
N SER B 264 -13.56 16.28 -42.53
CA SER B 264 -13.12 16.68 -43.86
C SER B 264 -12.43 18.03 -43.77
N CYS B 265 -11.50 18.25 -44.70
CA CYS B 265 -10.70 19.48 -44.70
C CYS B 265 -9.78 19.53 -45.90
N LYS C 1 32.04 2.05 13.39
CA LYS C 1 30.55 2.03 13.37
C LYS C 1 30.03 2.10 11.95
N VAL C 2 29.12 1.20 11.60
CA VAL C 2 28.49 1.20 10.29
C VAL C 2 27.44 2.29 10.23
N GLN C 3 27.48 3.11 9.17
CA GLN C 3 26.55 4.20 8.98
C GLN C 3 25.89 4.05 7.61
N LEU C 4 24.57 4.23 7.57
CA LEU C 4 23.80 4.19 6.34
C LEU C 4 22.92 5.43 6.33
N GLN C 5 23.09 6.28 5.31
CA GLN C 5 22.42 7.57 5.25
C GLN C 5 21.62 7.66 3.96
N GLU C 6 20.29 7.68 4.08
CA GLU C 6 19.43 7.85 2.92
C GLU C 6 19.32 9.34 2.57
N SER C 7 19.28 9.62 1.26
CA SER C 7 19.06 10.96 0.77
C SER C 7 18.13 10.88 -0.44
N GLY C 8 17.41 11.97 -0.69
CA GLY C 8 16.51 12.04 -1.81
C GLY C 8 15.26 12.82 -1.48
N PRO C 9 14.36 12.94 -2.46
CA PRO C 9 13.15 13.76 -2.26
C PRO C 9 12.17 13.14 -1.28
N SER C 10 11.52 14.00 -0.52
CA SER C 10 10.40 13.59 0.32
C SER C 10 9.08 13.55 -0.44
N LEU C 11 9.05 14.06 -1.67
CA LEU C 11 7.82 14.20 -2.43
C LEU C 11 8.09 13.84 -3.89
N VAL C 12 7.25 12.99 -4.46
CA VAL C 12 7.34 12.59 -5.85
C VAL C 12 5.93 12.57 -6.42
N LYS C 13 5.83 12.87 -7.71
CA LYS C 13 4.50 12.92 -8.31
C LYS C 13 4.13 11.59 -8.93
N PRO C 14 2.84 11.28 -9.01
CA PRO C 14 2.42 10.03 -9.67
C PRO C 14 3.02 9.92 -11.06
N SER C 15 3.41 8.70 -11.41
CA SER C 15 3.96 8.28 -12.70
C SER C 15 5.44 8.64 -12.82
N GLN C 16 6.00 9.42 -11.90
CA GLN C 16 7.41 9.73 -11.96
C GLN C 16 8.23 8.61 -11.32
N THR C 17 9.55 8.74 -11.43
CA THR C 17 10.48 7.78 -10.86
C THR C 17 11.01 8.31 -9.54
N LEU C 18 10.94 7.48 -8.50
CA LEU C 18 11.52 7.80 -7.20
C LEU C 18 12.98 7.36 -7.20
N SER C 19 13.88 8.29 -6.89
CA SER C 19 15.30 8.03 -6.84
C SER C 19 15.81 8.37 -5.46
N LEU C 20 16.43 7.40 -4.80
CA LEU C 20 17.03 7.58 -3.49
C LEU C 20 18.47 7.10 -3.54
N THR C 21 19.30 7.66 -2.68
CA THR C 21 20.70 7.27 -2.57
C THR C 21 20.98 6.90 -1.12
N CYS C 22 21.81 5.88 -0.94
CA CYS C 22 22.33 5.50 0.38
C CYS C 22 23.84 5.67 0.36
N THR C 23 24.34 6.46 1.28
CA THR C 23 25.78 6.69 1.44
C THR C 23 26.24 5.92 2.67
N THR C 24 27.18 4.99 2.47
CA THR C 24 27.65 4.10 3.51
C THR C 24 29.04 4.50 4.00
N SER C 25 29.36 4.04 5.20
CA SER C 25 30.68 4.23 5.78
C SER C 25 30.79 3.30 6.98
N GLY C 26 32.02 3.16 7.50
CA GLY C 26 32.26 2.27 8.60
C GLY C 26 32.42 0.82 8.22
N PHE C 27 32.46 0.50 6.93
CA PHE C 27 32.63 -0.86 6.44
C PHE C 27 32.90 -0.76 4.94
N SER C 28 33.01 -1.92 4.31
CA SER C 28 33.24 -1.99 2.87
C SER C 28 32.17 -2.88 2.24
N LEU C 29 31.84 -2.57 0.98
CA LEU C 29 30.86 -3.36 0.26
C LEU C 29 31.34 -4.79 0.00
N SER C 30 32.64 -5.05 0.16
CA SER C 30 33.19 -6.38 -0.07
C SER C 30 32.72 -7.41 0.95
N ASP C 31 31.99 -6.99 1.98
CA ASP C 31 31.57 -7.87 3.07
C ASP C 31 30.08 -8.07 3.14
N LYS C 32 29.29 -6.99 3.04
CA LYS C 32 27.85 -7.08 3.15
C LYS C 32 27.20 -6.36 1.97
N GLY C 33 26.14 -6.97 1.44
CA GLY C 33 25.33 -6.30 0.46
C GLY C 33 24.52 -5.18 1.08
N ILE C 34 23.99 -4.32 0.21
CA ILE C 34 23.12 -3.22 0.59
C ILE C 34 21.76 -3.49 -0.02
N ALA C 35 20.72 -3.42 0.80
CA ALA C 35 19.36 -3.70 0.36
C ALA C 35 18.45 -2.54 0.72
N TRP C 36 17.40 -2.36 -0.07
CA TRP C 36 16.36 -1.38 0.20
C TRP C 36 15.12 -2.08 0.69
N VAL C 37 14.55 -1.56 1.76
CA VAL C 37 13.32 -2.08 2.37
C VAL C 37 12.42 -0.88 2.64
N ARG C 38 11.12 -1.06 2.49
CA ARG C 38 10.19 0.01 2.78
C ARG C 38 9.05 -0.49 3.67
N GLN C 39 8.40 0.45 4.33
CA GLN C 39 7.19 0.18 5.08
C GLN C 39 6.19 1.30 4.83
N ALA C 40 5.05 0.96 4.22
CA ALA C 40 3.97 1.90 4.10
C ALA C 40 3.30 2.08 5.47
N PRO C 41 2.66 3.23 5.70
CA PRO C 41 2.07 3.48 7.02
C PRO C 41 1.14 2.35 7.47
N GLY C 42 1.49 1.68 8.56
CA GLY C 42 0.68 0.62 9.11
C GLY C 42 0.81 -0.72 8.41
N LYS C 43 1.23 -0.75 7.15
CA LYS C 43 1.37 -1.99 6.41
C LYS C 43 2.65 -2.71 6.86
N ALA C 44 2.96 -3.81 6.19
CA ALA C 44 4.09 -4.65 6.56
C ALA C 44 5.36 -4.21 5.82
N LEU C 45 6.50 -4.66 6.33
CA LEU C 45 7.77 -4.42 5.67
C LEU C 45 7.82 -5.12 4.32
N GLU C 46 8.41 -4.45 3.33
CA GLU C 46 8.48 -4.96 1.97
C GLU C 46 9.89 -4.86 1.42
N TRP C 47 10.42 -5.98 0.96
CA TRP C 47 11.73 -6.03 0.32
C TRP C 47 11.66 -5.45 -1.09
N LEU C 48 12.61 -4.60 -1.42
CA LEU C 48 12.66 -3.96 -2.74
C LEU C 48 13.76 -4.53 -3.62
N GLY C 49 14.97 -4.65 -3.09
CA GLY C 49 16.07 -5.19 -3.86
C GLY C 49 17.37 -4.92 -3.13
N SER C 50 18.44 -5.51 -3.67
CA SER C 50 19.75 -5.39 -3.06
C SER C 50 20.83 -5.41 -4.12
N THR C 51 22.05 -5.18 -3.67
CA THR C 51 23.25 -5.30 -4.51
C THR C 51 24.37 -5.77 -3.61
N ASP C 52 24.96 -6.92 -3.93
CA ASP C 52 25.91 -7.57 -3.04
C ASP C 52 27.33 -7.03 -3.22
N THR C 53 28.34 -7.86 -2.98
CA THR C 53 29.72 -7.38 -2.99
C THR C 53 30.16 -6.99 -4.38
N THR C 54 29.94 -7.87 -5.36
CA THR C 54 30.39 -7.61 -6.73
C THR C 54 29.32 -6.92 -7.58
N GLY C 55 28.04 -7.25 -7.38
CA GLY C 55 26.98 -6.56 -8.08
C GLY C 55 25.77 -7.39 -8.47
N SER C 56 25.75 -8.67 -8.06
CA SER C 56 24.64 -9.55 -8.41
C SER C 56 23.39 -9.08 -7.68
N THR C 57 22.54 -8.33 -8.39
CA THR C 57 21.30 -7.81 -7.83
C THR C 57 20.12 -8.65 -8.31
N ASN C 58 19.21 -8.94 -7.38
CA ASN C 58 17.89 -9.44 -7.70
C ASN C 58 16.86 -8.65 -6.90
N TYR C 59 15.64 -8.63 -7.41
CA TYR C 59 14.61 -7.75 -6.88
C TYR C 59 13.40 -8.56 -6.42
N ASN C 60 12.29 -7.85 -6.18
CA ASN C 60 11.08 -8.46 -5.65
C ASN C 60 10.06 -8.63 -6.78
N PRO C 61 9.64 -9.85 -7.11
CA PRO C 61 8.59 -9.99 -8.13
C PRO C 61 7.36 -9.15 -7.79
N GLY C 62 6.86 -8.44 -8.79
CA GLY C 62 5.78 -7.50 -8.58
C GLY C 62 6.26 -6.07 -8.65
N LEU C 63 7.46 -5.83 -8.10
CA LEU C 63 8.15 -4.57 -8.24
C LEU C 63 9.44 -4.68 -9.05
N LYS C 64 9.99 -5.89 -9.18
CA LYS C 64 11.18 -6.16 -10.00
C LYS C 64 11.19 -5.30 -11.25
N SER C 65 10.07 -5.26 -11.97
CA SER C 65 9.99 -4.47 -13.19
C SER C 65 10.27 -2.99 -12.93
N ARG C 66 9.97 -2.51 -11.72
CA ARG C 66 10.08 -1.10 -11.41
C ARG C 66 11.28 -0.73 -10.55
N VAL C 67 11.91 -1.71 -9.90
CA VAL C 67 13.02 -1.44 -8.99
C VAL C 67 14.34 -1.68 -9.72
N ILE C 68 15.26 -0.73 -9.61
CA ILE C 68 16.63 -0.88 -10.08
C ILE C 68 17.55 -0.40 -8.96
N VAL C 69 18.45 -1.27 -8.52
CA VAL C 69 19.44 -0.95 -7.51
C VAL C 69 20.81 -0.96 -8.17
N THR C 70 21.56 0.12 -7.96
CA THR C 70 22.89 0.28 -8.53
C THR C 70 23.84 0.77 -7.44
N LYS C 71 25.12 0.54 -7.66
CA LYS C 71 26.15 0.84 -6.67
C LYS C 71 27.30 1.57 -7.33
N ASP C 72 27.81 2.59 -6.64
CA ASP C 72 28.98 3.36 -7.08
C ASP C 72 29.98 3.33 -5.93
N ASN C 73 30.85 2.31 -5.93
CA ASN C 73 31.84 2.19 -4.87
C ASN C 73 32.75 3.41 -4.80
N SER C 74 32.95 4.10 -5.93
CA SER C 74 33.81 5.28 -5.93
C SER C 74 33.23 6.41 -5.10
N LYS C 75 31.94 6.35 -4.76
CA LYS C 75 31.32 7.31 -3.85
C LYS C 75 30.79 6.65 -2.59
N SER C 76 30.98 5.34 -2.41
CA SER C 76 30.44 4.61 -1.26
C SER C 76 28.92 4.77 -1.21
N GLN C 77 28.27 4.60 -2.37
CA GLN C 77 26.85 4.84 -2.49
C GLN C 77 26.15 3.68 -3.19
N VAL C 78 24.90 3.47 -2.82
CA VAL C 78 24.00 2.54 -3.48
C VAL C 78 22.70 3.29 -3.74
N SER C 79 22.17 3.17 -4.94
CA SER C 79 21.00 3.94 -5.34
C SER C 79 19.81 3.02 -5.56
N LEU C 80 18.62 3.60 -5.40
CA LEU C 80 17.36 2.94 -5.68
C LEU C 80 16.62 3.77 -6.70
N SER C 81 16.07 3.10 -7.72
CA SER C 81 15.17 3.72 -8.68
C SER C 81 13.88 2.92 -8.68
N LEU C 82 12.77 3.58 -8.39
CA LEU C 82 11.43 2.97 -8.42
C LEU C 82 10.63 3.75 -9.45
N SER C 83 10.36 3.12 -10.59
CA SER C 83 9.73 3.80 -11.71
C SER C 83 8.22 3.78 -11.60
N SER C 84 7.59 4.72 -12.32
CA SER C 84 6.13 4.82 -12.45
C SER C 84 5.43 4.64 -11.11
N VAL C 85 5.72 5.55 -10.18
CA VAL C 85 5.16 5.40 -8.85
C VAL C 85 3.68 5.74 -8.86
N THR C 86 2.94 5.10 -7.96
CA THR C 86 1.57 5.44 -7.65
C THR C 86 1.50 5.83 -6.18
N ILE C 87 0.33 6.30 -5.76
CA ILE C 87 0.17 6.71 -4.38
C ILE C 87 0.43 5.55 -3.43
N ALA C 88 0.31 4.31 -3.92
CA ALA C 88 0.61 3.14 -3.09
C ALA C 88 2.09 3.03 -2.74
N ASP C 89 2.97 3.78 -3.41
CA ASP C 89 4.39 3.75 -3.13
C ASP C 89 4.80 4.73 -2.04
N SER C 90 3.86 5.48 -1.48
CA SER C 90 4.15 6.30 -0.32
C SER C 90 4.57 5.40 0.83
N ALA C 91 5.74 5.65 1.40
CA ALA C 91 6.26 4.80 2.46
C ALA C 91 7.53 5.41 3.02
N THR C 92 8.01 4.79 4.10
CA THR C 92 9.35 5.08 4.62
C THR C 92 10.32 4.08 4.00
N TYR C 93 11.36 4.58 3.35
CA TYR C 93 12.33 3.77 2.65
C TYR C 93 13.61 3.66 3.45
N TYR C 94 14.05 2.44 3.70
CA TYR C 94 15.23 2.16 4.51
C TYR C 94 16.36 1.63 3.66
N CYS C 95 17.55 2.21 3.84
CA CYS C 95 18.78 1.56 3.42
C CYS C 95 19.20 0.57 4.50
N THR C 96 19.67 -0.61 4.08
CA THR C 96 20.06 -1.65 5.02
C THR C 96 21.33 -2.33 4.56
N ALA C 97 22.07 -2.88 5.52
CA ALA C 97 23.18 -3.79 5.25
C ALA C 97 22.70 -5.20 5.54
N VAL C 98 22.94 -6.12 4.61
CA VAL C 98 22.38 -7.46 4.69
C VAL C 98 23.49 -8.49 4.63
N VAL C 99 23.30 -9.59 5.37
CA VAL C 99 24.09 -10.79 5.22
C VAL C 99 23.41 -11.67 4.18
N GLN C 100 24.17 -12.14 3.19
CA GLN C 100 23.64 -12.95 2.11
C GLN C 100 24.58 -14.12 1.88
N GLU C 101 24.10 -15.33 2.13
CA GLU C 101 24.90 -16.54 1.99
C GLU C 101 24.05 -17.64 1.39
N THR C 102 24.70 -18.57 0.70
CA THR C 102 24.07 -19.80 0.24
C THR C 102 24.63 -20.96 1.04
N ARG C 103 23.76 -21.67 1.75
CA ARG C 103 24.15 -22.82 2.55
C ARG C 103 23.73 -24.07 1.78
N LYS C 104 24.72 -24.82 1.29
CA LYS C 104 24.48 -26.05 0.56
C LYS C 104 24.59 -27.24 1.50
N SER C 105 23.77 -28.27 1.24
CA SER C 105 23.78 -29.47 2.06
C SER C 105 23.58 -30.69 1.16
N CYS C 106 23.93 -31.85 1.69
CA CYS C 106 23.77 -33.12 1.00
C CYS C 106 22.83 -34.01 1.79
N PRO C 107 22.17 -34.97 1.14
CA PRO C 107 21.31 -35.89 1.87
C PRO C 107 22.09 -36.66 2.93
N ASP C 108 21.36 -37.13 3.95
CA ASP C 108 21.98 -37.94 4.98
C ASP C 108 22.67 -39.14 4.36
N GLY C 109 23.86 -39.46 4.87
CA GLY C 109 24.67 -40.53 4.32
C GLY C 109 25.47 -40.16 3.09
N TRP C 110 25.27 -38.98 2.53
CA TRP C 110 26.01 -38.50 1.37
C TRP C 110 26.95 -37.39 1.82
N ARG C 111 27.94 -37.12 0.97
CA ARG C 111 28.98 -36.13 1.29
C ARG C 111 29.34 -35.33 0.05
N PHE C 112 29.67 -34.06 0.27
CA PHE C 112 30.19 -33.23 -0.81
C PHE C 112 31.49 -33.81 -1.35
N GLY C 113 31.72 -33.62 -2.65
CA GLY C 113 32.98 -34.03 -3.24
C GLY C 113 34.17 -33.41 -2.54
N TRP C 114 34.05 -32.14 -2.17
CA TRP C 114 35.08 -31.49 -1.37
C TRP C 114 35.37 -32.29 -0.11
N ASP C 115 34.32 -32.69 0.61
CA ASP C 115 34.50 -33.44 1.85
C ASP C 115 35.00 -34.85 1.59
N CYS C 116 34.83 -35.38 0.38
CA CYS C 116 35.46 -36.64 0.02
C CYS C 116 36.96 -36.49 -0.19
N GLY C 117 37.46 -35.26 -0.22
CA GLY C 117 38.85 -35.01 -0.53
C GLY C 117 39.14 -34.70 -1.98
N PHE C 118 38.11 -34.50 -2.80
CA PHE C 118 38.29 -34.20 -4.20
C PHE C 118 38.64 -32.72 -4.37
N HIS C 119 39.13 -32.38 -5.56
CA HIS C 119 39.44 -31.01 -5.92
C HIS C 119 38.97 -30.75 -7.34
N GLY C 120 38.80 -29.47 -7.65
CA GLY C 120 38.39 -29.07 -8.98
C GLY C 120 36.93 -29.34 -9.27
N TYR C 121 36.67 -30.21 -10.24
CA TYR C 121 35.30 -30.49 -10.68
C TYR C 121 34.61 -31.43 -9.71
N GLY C 122 33.33 -31.17 -9.47
CA GLY C 122 32.50 -32.05 -8.66
C GLY C 122 32.60 -31.84 -7.17
N THR C 123 33.33 -30.81 -6.72
CA THR C 123 33.47 -30.61 -5.28
C THR C 123 32.15 -30.19 -4.63
N GLU C 124 31.24 -29.59 -5.40
CA GLU C 124 29.98 -29.10 -4.86
C GLU C 124 28.83 -30.08 -5.05
N ASP C 125 29.08 -31.25 -5.62
CA ASP C 125 28.06 -32.27 -5.77
C ASP C 125 28.11 -33.24 -4.60
N CYS C 126 27.05 -34.04 -4.48
CA CYS C 126 26.89 -34.97 -3.37
C CYS C 126 27.13 -36.39 -3.85
N TYR C 127 27.94 -37.13 -3.10
CA TYR C 127 28.32 -38.49 -3.46
C TYR C 127 27.88 -39.44 -2.36
N GLU C 128 27.37 -40.61 -2.76
CA GLU C 128 26.91 -41.60 -1.79
C GLU C 128 28.09 -42.36 -1.18
N ASP C 129 29.16 -42.57 -1.94
CA ASP C 129 30.32 -43.32 -1.47
C ASP C 129 31.57 -42.58 -1.95
N CYS C 130 32.28 -41.95 -1.02
CA CYS C 130 33.51 -41.27 -1.39
C CYS C 130 34.54 -42.23 -1.98
N VAL C 131 34.53 -43.48 -1.54
CA VAL C 131 35.55 -44.43 -1.97
C VAL C 131 35.28 -44.89 -3.40
N ASP C 132 34.02 -45.20 -3.72
CA ASP C 132 33.66 -45.72 -5.04
C ASP C 132 33.34 -44.55 -5.97
N ILE C 133 34.39 -43.78 -6.27
CA ILE C 133 34.21 -42.52 -7.00
C ILE C 133 33.61 -42.77 -8.37
N LEU C 134 34.17 -43.74 -9.11
CA LEU C 134 33.91 -43.82 -10.54
C LEU C 134 32.47 -44.24 -10.84
N SER C 135 31.82 -44.96 -9.93
CA SER C 135 30.44 -45.41 -10.14
C SER C 135 29.50 -44.94 -9.04
N SER C 136 29.96 -44.08 -8.13
CA SER C 136 29.07 -43.57 -7.10
C SER C 136 27.90 -42.81 -7.72
N GLU C 137 26.75 -42.88 -7.07
CA GLU C 137 25.60 -42.10 -7.48
C GLU C 137 25.75 -40.68 -6.97
N THR C 138 25.50 -39.71 -7.85
CA THR C 138 25.59 -38.30 -7.52
C THR C 138 24.20 -37.67 -7.53
N VAL C 139 23.97 -36.78 -6.58
CA VAL C 139 22.81 -35.89 -6.59
C VAL C 139 23.33 -34.48 -6.36
N SER C 140 22.67 -33.51 -6.97
CA SER C 140 23.06 -32.12 -6.78
C SER C 140 22.73 -31.68 -5.36
N SER C 141 23.41 -30.64 -4.91
CA SER C 141 23.29 -30.18 -3.54
C SER C 141 21.96 -29.47 -3.32
N THR C 142 21.50 -29.48 -2.07
CA THR C 142 20.31 -28.74 -1.66
C THR C 142 20.76 -27.36 -1.17
N ASP C 143 20.33 -26.33 -1.87
CA ASP C 143 20.74 -24.96 -1.59
C ASP C 143 19.69 -24.29 -0.71
N ARG C 144 20.08 -23.93 0.51
CA ARG C 144 19.31 -23.01 1.34
C ARG C 144 19.91 -21.61 1.23
N TYR C 145 19.17 -20.62 1.70
CA TYR C 145 19.55 -19.22 1.54
C TYR C 145 19.45 -18.50 2.87
N GLU C 146 20.55 -17.90 3.30
CA GLU C 146 20.61 -17.07 4.50
C GLU C 146 20.52 -15.61 4.07
N LEU C 147 19.57 -14.89 4.65
CA LEU C 147 19.38 -13.47 4.35
C LEU C 147 18.78 -12.81 5.58
N HIS C 148 19.50 -11.86 6.16
CA HIS C 148 18.95 -11.07 7.26
C HIS C 148 19.61 -9.69 7.23
N VAL C 149 18.90 -8.73 7.79
CA VAL C 149 19.37 -7.35 7.85
C VAL C 149 20.27 -7.19 9.07
N ASP C 150 21.50 -6.75 8.83
CA ASP C 150 22.47 -6.55 9.91
C ASP C 150 22.40 -5.13 10.49
N ALA C 151 22.03 -4.15 9.68
CA ALA C 151 21.99 -2.76 10.12
C ALA C 151 20.93 -2.02 9.31
N TRP C 152 20.28 -1.06 9.96
CA TRP C 152 19.19 -0.30 9.39
C TRP C 152 19.52 1.18 9.36
N GLY C 153 19.25 1.83 8.24
CA GLY C 153 19.26 3.27 8.20
C GLY C 153 18.08 3.85 8.96
N GLN C 154 18.10 5.17 9.13
CA GLN C 154 17.02 5.82 9.85
C GLN C 154 15.72 5.90 9.06
N GLY C 155 15.78 5.67 7.76
CA GLY C 155 14.58 5.71 6.95
C GLY C 155 14.29 7.10 6.41
N LEU C 156 13.79 7.15 5.18
CA LEU C 156 13.43 8.42 4.55
C LEU C 156 11.98 8.32 4.11
N LEU C 157 11.16 9.27 4.58
CA LEU C 157 9.75 9.29 4.25
C LEU C 157 9.55 9.85 2.85
N VAL C 158 8.86 9.08 2.00
CA VAL C 158 8.52 9.52 0.66
C VAL C 158 7.01 9.53 0.53
N THR C 159 6.45 10.67 0.15
CA THR C 159 5.04 10.81 -0.13
C THR C 159 4.86 10.96 -1.65
N VAL C 160 4.01 10.13 -2.22
CA VAL C 160 3.66 10.23 -3.63
C VAL C 160 2.37 11.04 -3.72
N SER C 161 2.44 12.22 -4.33
CA SER C 161 1.27 13.07 -4.44
C SER C 161 1.50 14.09 -5.54
N SER C 162 0.40 14.53 -6.15
CA SER C 162 0.47 15.61 -7.13
C SER C 162 0.40 16.98 -6.47
N ALA C 163 0.03 17.05 -5.19
CA ALA C 163 -0.06 18.33 -4.50
C ALA C 163 1.32 18.97 -4.38
N SER C 164 1.32 20.31 -4.39
CA SER C 164 2.56 21.05 -4.31
C SER C 164 2.99 21.19 -2.85
N THR C 165 4.29 21.42 -2.67
CA THR C 165 4.82 21.66 -1.33
C THR C 165 4.20 22.90 -0.73
N LYS C 166 4.12 22.93 0.60
CA LYS C 166 3.67 24.13 1.31
C LYS C 166 4.41 24.20 2.64
N GLY C 167 5.10 25.31 2.88
CA GLY C 167 5.77 25.55 4.14
C GLY C 167 4.77 25.84 5.25
N PRO C 168 5.17 25.60 6.49
CA PRO C 168 4.25 25.80 7.62
C PRO C 168 4.20 27.25 8.06
N SER C 169 3.10 27.59 8.74
CA SER C 169 3.02 28.79 9.53
C SER C 169 3.35 28.43 10.97
N VAL C 170 4.31 29.13 11.55
CA VAL C 170 4.80 28.84 12.90
C VAL C 170 4.28 29.91 13.84
N PHE C 171 3.50 29.51 14.83
CA PHE C 171 2.93 30.42 15.80
C PHE C 171 3.38 30.03 17.22
N PRO C 172 3.74 31.00 18.05
CA PRO C 172 4.13 30.67 19.43
C PRO C 172 2.93 30.28 20.27
N LEU C 173 3.14 29.31 21.16
CA LEU C 173 2.16 28.91 22.16
C LEU C 173 2.69 29.40 23.50
N ALA C 174 2.21 30.57 23.93
CA ALA C 174 2.84 31.27 25.05
C ALA C 174 2.54 30.57 26.37
N PRO C 175 3.46 30.65 27.33
CA PRO C 175 3.14 30.19 28.69
C PRO C 175 2.23 31.18 29.39
N SER C 176 1.38 30.66 30.26
CA SER C 176 0.41 31.47 30.98
C SER C 176 0.67 31.42 32.47
N THR C 180 1.26 26.50 33.14
CA THR C 180 1.80 26.81 34.46
C THR C 180 1.11 25.99 35.55
N SER C 181 1.69 24.84 35.87
CA SER C 181 1.14 23.93 36.86
C SER C 181 2.21 23.56 37.88
N GLY C 182 1.83 23.53 39.15
CA GLY C 182 2.76 23.22 40.21
C GLY C 182 3.90 24.20 40.29
N GLY C 183 5.05 23.84 39.73
CA GLY C 183 6.19 24.72 39.66
C GLY C 183 6.82 24.72 38.28
N THR C 184 6.08 24.27 37.29
CA THR C 184 6.54 24.20 35.91
C THR C 184 5.64 25.03 35.01
N ALA C 185 6.15 25.33 33.83
CA ALA C 185 5.41 26.07 32.82
C ALA C 185 5.54 25.36 31.48
N ALA C 186 4.48 25.41 30.68
CA ALA C 186 4.43 24.76 29.38
C ALA C 186 4.34 25.82 28.30
N LEU C 187 5.20 25.71 27.29
CA LEU C 187 5.21 26.61 26.15
C LEU C 187 5.62 25.81 24.92
N GLY C 188 5.32 26.34 23.76
CA GLY C 188 5.60 25.60 22.55
C GLY C 188 5.43 26.42 21.31
N CYS C 189 5.37 25.73 20.17
CA CYS C 189 5.17 26.34 18.87
CA CYS C 189 5.10 26.38 18.91
C CYS C 189 4.20 25.49 18.06
N LEU C 190 3.29 26.14 17.34
CA LEU C 190 2.34 25.47 16.46
C LEU C 190 2.88 25.57 15.04
N VAL C 191 3.07 24.42 14.40
CA VAL C 191 3.57 24.34 13.04
C VAL C 191 2.38 23.89 12.19
N LYS C 192 1.74 24.83 11.52
CA LYS C 192 0.40 24.65 11.00
C LYS C 192 0.36 24.60 9.48
N ASP C 193 -0.41 23.66 8.95
CA ASP C 193 -0.76 23.60 7.53
C ASP C 193 0.48 23.61 6.64
N TYR C 194 1.17 22.46 6.65
CA TYR C 194 2.32 22.25 5.77
C TYR C 194 2.13 20.94 5.03
N PHE C 195 2.93 20.76 3.97
CA PHE C 195 2.88 19.55 3.18
C PHE C 195 4.16 19.44 2.36
N PRO C 196 4.78 18.25 2.27
CA PRO C 196 4.41 17.01 2.93
C PRO C 196 5.12 16.87 4.26
N GLU C 197 4.89 15.77 4.96
CA GLU C 197 5.78 15.39 6.05
C GLU C 197 7.17 15.16 5.47
N PRO C 198 8.24 15.29 6.28
CA PRO C 198 8.24 15.61 7.71
C PRO C 198 8.67 17.04 8.03
N VAL C 199 8.46 17.42 9.29
CA VAL C 199 9.00 18.64 9.86
C VAL C 199 9.83 18.23 11.08
N THR C 200 10.90 18.97 11.34
CA THR C 200 11.70 18.79 12.53
C THR C 200 11.66 20.07 13.37
N VAL C 201 11.57 19.91 14.68
CA VAL C 201 11.57 21.03 15.60
C VAL C 201 12.65 20.80 16.64
N SER C 202 13.55 21.76 16.77
CA SER C 202 14.50 21.81 17.88
C SER C 202 14.21 23.05 18.70
N TRP C 203 14.81 23.11 19.89
CA TRP C 203 14.64 24.23 20.79
C TRP C 203 16.01 24.78 21.16
N ASN C 204 16.16 26.10 21.08
CA ASN C 204 17.41 26.77 21.37
C ASN C 204 18.56 26.13 20.63
N SER C 205 18.34 25.88 19.33
CA SER C 205 19.35 25.33 18.43
C SER C 205 19.86 23.98 18.91
N GLY C 206 19.01 23.18 19.54
CA GLY C 206 19.36 21.86 20.00
C GLY C 206 19.95 21.81 21.40
N ALA C 207 20.19 22.96 22.03
CA ALA C 207 20.73 22.98 23.38
C ALA C 207 19.71 22.54 24.41
N LEU C 208 18.42 22.68 24.11
CA LEU C 208 17.35 22.30 25.03
C LEU C 208 16.72 21.02 24.50
N THR C 209 16.88 19.93 25.24
CA THR C 209 16.29 18.65 24.90
C THR C 209 15.43 18.10 26.01
N SER C 210 15.81 18.30 27.28
CA SER C 210 14.99 17.85 28.39
C SER C 210 13.64 18.56 28.37
N GLY C 211 12.57 17.78 28.56
CA GLY C 211 11.24 18.33 28.62
C GLY C 211 10.61 18.67 27.29
N VAL C 212 11.28 18.39 26.17
CA VAL C 212 10.71 18.66 24.85
C VAL C 212 9.79 17.52 24.46
N HIS C 213 8.59 17.87 24.00
CA HIS C 213 7.61 16.89 23.53
C HIS C 213 7.05 17.41 22.21
N THR C 214 7.54 16.86 21.10
CA THR C 214 7.03 17.19 19.78
C THR C 214 5.99 16.13 19.40
N PHE C 215 4.79 16.58 19.12
CA PHE C 215 3.69 15.64 18.92
C PHE C 215 3.56 15.23 17.46
N PRO C 216 3.17 13.99 17.18
CA PRO C 216 2.89 13.59 15.80
C PRO C 216 1.84 14.50 15.18
N ALA C 217 2.01 14.79 13.89
CA ALA C 217 1.14 15.72 13.21
C ALA C 217 -0.26 15.13 13.04
N VAL C 218 -1.24 16.03 12.95
CA VAL C 218 -2.60 15.68 12.57
C VAL C 218 -2.74 15.97 11.08
N LEU C 219 -3.45 15.09 10.37
CA LEU C 219 -3.73 15.29 8.96
C LEU C 219 -5.18 15.74 8.83
N GLN C 220 -5.38 16.96 8.38
CA GLN C 220 -6.70 17.52 8.17
C GLN C 220 -7.30 16.99 6.88
N SER C 221 -8.63 17.11 6.77
CA SER C 221 -9.30 16.73 5.53
C SER C 221 -8.81 17.56 4.35
N SER C 222 -8.26 18.75 4.60
CA SER C 222 -7.65 19.55 3.55
C SER C 222 -6.38 18.93 2.99
N GLY C 223 -5.88 17.86 3.60
CA GLY C 223 -4.63 17.26 3.15
C GLY C 223 -3.39 17.97 3.64
N LEU C 224 -3.52 18.93 4.54
CA LEU C 224 -2.37 19.63 5.11
C LEU C 224 -2.14 19.15 6.53
N TYR C 225 -0.88 19.21 6.97
CA TYR C 225 -0.48 18.72 8.28
C TYR C 225 -0.31 19.87 9.26
N SER C 226 -0.53 19.56 10.53
CA SER C 226 -0.21 20.47 11.62
C SER C 226 0.33 19.65 12.78
N LEU C 227 1.35 20.16 13.44
CA LEU C 227 1.85 19.57 14.67
C LEU C 227 2.23 20.68 15.64
N SER C 228 2.50 20.29 16.88
CA SER C 228 2.91 21.22 17.91
C SER C 228 4.07 20.60 18.68
N SER C 229 4.99 21.46 19.10
CA SER C 229 6.10 21.08 19.97
C SER C 229 5.99 21.88 21.25
N VAL C 230 5.95 21.19 22.39
CA VAL C 230 5.80 21.82 23.69
C VAL C 230 7.00 21.42 24.55
N VAL C 231 7.54 22.39 25.28
CA VAL C 231 8.58 22.12 26.26
C VAL C 231 8.06 22.56 27.62
N THR C 232 8.34 21.76 28.65
CA THR C 232 7.96 22.08 30.02
C THR C 232 9.22 22.45 30.78
N VAL C 233 9.19 23.60 31.45
CA VAL C 233 10.37 24.15 32.10
C VAL C 233 9.98 24.66 33.48
N PRO C 234 10.96 24.82 34.36
CA PRO C 234 10.67 25.47 35.64
C PRO C 234 10.08 26.85 35.40
N SER C 235 9.00 27.16 36.14
CA SER C 235 8.35 28.45 35.98
C SER C 235 9.35 29.59 36.13
N SER C 236 10.30 29.43 37.05
CA SER C 236 11.28 30.50 37.27
C SER C 236 12.17 30.72 36.05
N SER C 237 12.36 29.69 35.22
CA SER C 237 13.26 29.83 34.09
C SER C 237 12.68 30.72 32.99
N LEU C 238 11.37 31.01 33.03
CA LEU C 238 10.82 31.94 32.05
C LEU C 238 11.47 33.31 32.18
N GLY C 239 11.96 33.66 33.36
CA GLY C 239 12.64 34.92 33.57
C GLY C 239 14.12 34.91 33.36
N THR C 240 14.75 33.73 33.20
CA THR C 240 16.19 33.65 33.09
C THR C 240 16.67 32.99 31.81
N GLN C 241 15.77 32.48 30.97
CA GLN C 241 16.15 31.77 29.75
C GLN C 241 15.14 32.09 28.65
N THR C 242 15.64 32.42 27.47
CA THR C 242 14.75 32.55 26.32
C THR C 242 14.52 31.18 25.68
N TYR C 243 13.43 31.08 24.93
CA TYR C 243 13.01 29.82 24.32
C TYR C 243 12.64 30.07 22.88
N ILE C 244 13.40 29.47 21.97
CA ILE C 244 13.23 29.66 20.53
C ILE C 244 13.10 28.29 19.90
N CYS C 245 11.98 28.04 19.22
CA CYS C 245 11.76 26.78 18.51
CA CYS C 245 11.78 26.78 18.53
C CYS C 245 12.27 26.94 17.09
N ASN C 246 13.11 25.99 16.65
CA ASN C 246 13.71 26.02 15.32
C ASN C 246 12.98 25.00 14.44
N VAL C 247 12.23 25.49 13.48
CA VAL C 247 11.38 24.65 12.63
C VAL C 247 12.03 24.55 11.25
N ASN C 248 12.19 23.32 10.77
CA ASN C 248 12.80 23.06 9.48
C ASN C 248 11.87 22.16 8.69
N HIS C 249 11.43 22.62 7.52
CA HIS C 249 10.60 21.85 6.61
C HIS C 249 11.39 21.75 5.30
N LYS C 250 12.20 20.70 5.19
CA LYS C 250 13.12 20.60 4.06
C LYS C 250 12.41 20.59 2.71
N PRO C 251 11.29 19.90 2.52
CA PRO C 251 10.67 19.88 1.18
C PRO C 251 10.35 21.26 0.63
N SER C 252 10.01 22.22 1.49
CA SER C 252 9.76 23.59 1.06
C SER C 252 10.94 24.52 1.31
N ASN C 253 12.07 23.98 1.78
CA ASN C 253 13.21 24.81 2.16
C ASN C 253 12.78 25.95 3.08
N THR C 254 11.92 25.63 4.03
CA THR C 254 11.41 26.59 5.00
C THR C 254 12.12 26.38 6.33
N LYS C 255 12.87 27.38 6.78
CA LYS C 255 13.56 27.35 8.06
C LYS C 255 13.13 28.58 8.85
N VAL C 256 12.55 28.35 10.03
CA VAL C 256 11.92 29.41 10.80
C VAL C 256 12.32 29.28 12.26
N ASP C 257 12.75 30.39 12.85
CA ASP C 257 13.03 30.49 14.28
C ASP C 257 11.97 31.40 14.90
N LYS C 258 11.33 30.92 15.96
CA LYS C 258 10.26 31.66 16.62
C LYS C 258 10.55 31.73 18.12
N LYS C 259 10.73 32.96 18.62
CA LYS C 259 10.88 33.17 20.05
C LYS C 259 9.53 33.13 20.73
N VAL C 260 9.42 32.37 21.82
CA VAL C 260 8.17 32.16 22.52
C VAL C 260 8.24 32.95 23.83
N GLU C 261 7.42 34.00 23.93
CA GLU C 261 7.44 34.91 25.07
C GLU C 261 6.18 34.73 25.92
N PRO C 262 6.26 35.03 27.21
CA PRO C 262 5.03 35.12 28.01
C PRO C 262 4.22 36.34 27.63
N LYS C 263 2.92 36.27 27.91
CA LYS C 263 2.01 37.36 27.56
C LYS C 263 1.87 38.36 28.70
N GLN D 1 3.61 -10.65 -4.34
CA GLN D 1 4.19 -10.01 -3.12
C GLN D 1 3.93 -10.90 -1.90
N ALA D 2 4.79 -11.90 -1.73
CA ALA D 2 4.59 -12.90 -0.70
C ALA D 2 4.81 -12.33 0.69
N VAL D 3 4.06 -12.85 1.66
CA VAL D 3 4.13 -12.44 3.06
C VAL D 3 4.10 -13.69 3.93
N LEU D 4 4.89 -13.68 4.99
CA LEU D 4 4.84 -14.77 5.97
C LEU D 4 3.71 -14.53 6.95
N ASN D 5 3.14 -15.62 7.47
CA ASN D 5 1.93 -15.54 8.27
C ASN D 5 2.28 -15.37 9.75
N GLN D 6 1.81 -14.28 10.34
CA GLN D 6 1.95 -14.02 11.77
C GLN D 6 0.59 -13.71 12.37
N PRO D 7 0.40 -13.96 13.65
CA PRO D 7 -0.80 -13.43 14.32
C PRO D 7 -0.81 -11.92 14.31
N SER D 8 -2.01 -11.34 14.13
CA SER D 8 -2.13 -9.89 14.14
C SER D 8 -1.70 -9.30 15.48
N SER D 9 -2.08 -9.94 16.58
CA SER D 9 -1.84 -9.39 17.90
C SER D 9 -1.56 -10.51 18.90
N VAL D 10 -0.75 -10.19 19.90
CA VAL D 10 -0.47 -11.08 21.02
C VAL D 10 -0.41 -10.24 22.29
N SER D 11 -0.69 -10.86 23.42
CA SER D 11 -0.65 -10.20 24.72
C SER D 11 0.13 -11.04 25.71
N GLY D 12 0.87 -10.35 26.58
CA GLY D 12 1.55 -10.98 27.69
C GLY D 12 1.57 -10.02 28.85
N SER D 13 1.91 -10.55 30.02
CA SER D 13 1.91 -9.77 31.25
C SER D 13 3.33 -9.43 31.68
N LEU D 14 3.47 -8.27 32.33
CA LEU D 14 4.75 -7.82 32.84
C LEU D 14 5.48 -8.96 33.53
N GLY D 15 6.79 -9.05 33.27
CA GLY D 15 7.64 -10.04 33.89
C GLY D 15 7.42 -11.47 33.43
N GLN D 16 6.43 -11.73 32.60
CA GLN D 16 6.12 -13.08 32.16
C GLN D 16 6.60 -13.28 30.72
N ARG D 17 6.17 -14.38 30.12
CA ARG D 17 6.69 -14.85 28.84
C ARG D 17 5.61 -14.77 27.76
N VAL D 18 6.03 -14.45 26.53
CA VAL D 18 5.11 -14.39 25.40
C VAL D 18 5.83 -14.97 24.18
N SER D 19 5.03 -15.56 23.28
CA SER D 19 5.56 -16.17 22.07
C SER D 19 4.82 -15.63 20.86
N ILE D 20 5.57 -15.41 19.78
CA ILE D 20 5.05 -14.89 18.52
C ILE D 20 5.50 -15.83 17.43
N THR D 21 4.55 -16.29 16.60
CA THR D 21 4.84 -17.31 15.61
C THR D 21 4.98 -16.68 14.22
N CYS D 22 5.70 -17.39 13.36
CA CYS D 22 5.97 -16.98 11.99
C CYS D 22 5.85 -18.24 11.14
N SER D 23 4.81 -18.33 10.32
CA SER D 23 4.50 -19.55 9.60
C SER D 23 4.63 -19.33 8.10
N GLY D 24 5.32 -20.25 7.43
CA GLY D 24 5.46 -20.18 5.99
C GLY D 24 5.44 -21.57 5.37
N SER D 25 6.04 -21.70 4.21
CA SER D 25 6.08 -22.95 3.49
C SER D 25 7.45 -23.61 3.65
N SER D 26 7.57 -24.82 3.12
CA SER D 26 8.83 -25.53 3.16
C SER D 26 9.92 -24.81 2.39
N SER D 27 9.57 -23.84 1.55
CA SER D 27 10.53 -23.13 0.72
C SER D 27 10.92 -21.76 1.26
N ASN D 28 10.36 -21.34 2.40
CA ASN D 28 10.89 -20.16 3.09
C ASN D 28 11.21 -20.50 4.54
N VAL D 29 10.22 -20.44 5.43
CA VAL D 29 10.46 -20.71 6.84
C VAL D 29 11.07 -22.10 7.03
N GLY D 30 10.59 -23.08 6.27
CA GLY D 30 11.06 -24.44 6.40
C GLY D 30 12.52 -24.63 6.03
N ASN D 31 13.12 -23.65 5.35
CA ASN D 31 14.54 -23.69 5.05
C ASN D 31 15.39 -23.11 6.17
N GLY D 32 14.76 -22.65 7.25
CA GLY D 32 15.52 -22.09 8.34
C GLY D 32 16.04 -20.71 8.00
N TYR D 33 16.98 -20.26 8.80
CA TYR D 33 17.57 -18.93 8.64
C TYR D 33 16.48 -17.87 8.70
N VAL D 34 15.53 -18.05 9.63
CA VAL D 34 14.52 -17.04 9.92
C VAL D 34 15.14 -15.96 10.78
N SER D 35 14.73 -14.71 10.53
CA SER D 35 15.18 -13.56 11.29
C SER D 35 13.98 -12.82 11.87
N TRP D 36 14.23 -12.03 12.90
CA TRP D 36 13.19 -11.31 13.62
C TRP D 36 13.61 -9.86 13.85
N TYR D 37 12.63 -8.96 13.78
CA TYR D 37 12.88 -7.53 13.87
C TYR D 37 11.83 -6.87 14.76
N GLN D 38 12.26 -5.85 15.50
CA GLN D 38 11.39 -5.07 16.37
C GLN D 38 11.21 -3.68 15.79
N LEU D 39 9.95 -3.28 15.60
CA LEU D 39 9.59 -1.95 15.09
C LEU D 39 8.81 -1.24 16.18
N ILE D 40 9.51 -0.37 16.92
CA ILE D 40 8.85 0.56 17.84
C ILE D 40 8.52 1.82 17.06
N PRO D 41 7.25 2.24 17.03
CA PRO D 41 6.87 3.32 16.11
C PRO D 41 7.70 4.58 16.33
N GLY D 42 7.91 5.32 15.24
CA GLY D 42 8.76 6.49 15.27
C GLY D 42 10.24 6.22 15.23
N SER D 43 10.65 4.96 15.29
CA SER D 43 12.04 4.56 15.20
C SER D 43 12.22 3.58 14.05
N ALA D 44 13.47 3.40 13.63
CA ALA D 44 13.77 2.40 12.62
C ALA D 44 13.73 1.01 13.24
N PRO D 45 13.56 -0.03 12.41
CA PRO D 45 13.54 -1.39 12.95
C PRO D 45 14.87 -1.76 13.60
N ARG D 46 14.81 -2.67 14.56
CA ARG D 46 15.98 -3.25 15.20
C ARG D 46 15.98 -4.75 14.97
N THR D 47 17.13 -5.28 14.56
CA THR D 47 17.28 -6.72 14.38
C THR D 47 17.40 -7.39 15.74
N LEU D 48 16.63 -8.46 15.93
CA LEU D 48 16.63 -9.23 17.16
C LEU D 48 17.32 -10.58 17.00
N ILE D 49 16.91 -11.36 15.99
CA ILE D 49 17.34 -12.73 15.81
C ILE D 49 17.66 -12.95 14.34
N TYR D 50 18.64 -13.82 14.07
CA TYR D 50 18.91 -14.31 12.74
C TYR D 50 19.30 -15.78 12.84
N GLY D 51 19.26 -16.47 11.70
CA GLY D 51 19.60 -17.88 11.71
C GLY D 51 18.75 -18.70 12.65
N ASP D 52 17.44 -18.39 12.73
CA ASP D 52 16.50 -19.06 13.61
C ASP D 52 16.73 -18.73 15.09
N THR D 53 17.96 -18.89 15.57
CA THR D 53 18.22 -18.92 17.00
C THR D 53 19.25 -17.91 17.51
N SER D 54 19.99 -17.25 16.63
CA SER D 54 21.11 -16.42 17.04
C SER D 54 20.66 -15.00 17.37
N ARG D 55 21.02 -14.52 18.56
CA ARG D 55 20.79 -13.12 18.90
C ARG D 55 21.77 -12.23 18.13
N ALA D 56 21.25 -11.12 17.61
CA ALA D 56 22.11 -10.11 17.06
C ALA D 56 22.86 -9.39 18.19
N SER D 57 24.02 -8.84 17.86
CA SER D 57 24.86 -8.21 18.87
C SER D 57 24.07 -7.12 19.60
N GLY D 58 24.15 -7.14 20.93
CA GLY D 58 23.50 -6.16 21.76
C GLY D 58 22.07 -6.49 22.16
N VAL D 59 21.46 -7.48 21.54
CA VAL D 59 20.07 -7.81 21.88
C VAL D 59 20.04 -8.47 23.26
N PRO D 60 19.14 -8.06 24.15
CA PRO D 60 19.12 -8.66 25.50
C PRO D 60 18.83 -10.15 25.48
N ASP D 61 19.24 -10.81 26.57
CA ASP D 61 19.10 -12.27 26.67
C ASP D 61 17.64 -12.70 26.60
N ARG D 62 16.71 -11.84 26.97
CA ARG D 62 15.31 -12.27 27.09
C ARG D 62 14.62 -12.41 25.73
N PHE D 63 15.32 -12.18 24.64
CA PHE D 63 14.81 -12.46 23.30
C PHE D 63 15.46 -13.74 22.81
N SER D 64 14.63 -14.73 22.47
CA SER D 64 15.12 -16.00 21.95
C SER D 64 14.28 -16.41 20.76
N GLY D 65 14.89 -17.19 19.87
CA GLY D 65 14.19 -17.69 18.70
C GLY D 65 14.35 -19.20 18.58
N SER D 66 13.33 -19.81 18.01
CA SER D 66 13.34 -21.24 17.75
C SER D 66 12.54 -21.50 16.47
N ARG D 67 12.65 -22.73 15.96
CA ARG D 67 11.88 -23.12 14.79
C ARG D 67 11.55 -24.59 14.88
N SER D 68 10.34 -24.94 14.45
CA SER D 68 9.90 -26.33 14.32
C SER D 68 9.25 -26.46 12.95
N GLY D 69 10.00 -26.95 11.97
CA GLY D 69 9.48 -27.09 10.63
C GLY D 69 9.13 -25.74 10.01
N ASN D 70 7.87 -25.58 9.61
CA ASN D 70 7.44 -24.41 8.87
C ASN D 70 6.87 -23.31 9.75
N THR D 71 7.03 -23.41 11.07
CA THR D 71 6.70 -22.34 11.98
C THR D 71 7.92 -21.99 12.83
N ALA D 72 8.28 -20.72 12.82
CA ALA D 72 9.31 -20.19 13.69
C ALA D 72 8.65 -19.41 14.83
N THR D 73 9.38 -19.26 15.93
CA THR D 73 8.83 -18.62 17.11
C THR D 73 9.84 -17.66 17.72
N LEU D 74 9.38 -16.45 18.00
CA LEU D 74 10.11 -15.50 18.83
C LEU D 74 9.51 -15.53 20.23
N THR D 75 10.35 -15.77 21.23
CA THR D 75 9.93 -15.81 22.63
C THR D 75 10.57 -14.65 23.37
N ILE D 76 9.74 -13.87 24.06
CA ILE D 76 10.19 -12.73 24.87
C ILE D 76 9.83 -13.05 26.31
N SER D 77 10.84 -13.28 27.14
CA SER D 77 10.65 -13.53 28.57
C SER D 77 10.87 -12.25 29.36
N SER D 78 10.41 -12.26 30.61
CA SER D 78 10.54 -11.12 31.50
C SER D 78 10.06 -9.84 30.82
N LEU D 79 8.86 -9.91 30.26
CA LEU D 79 8.28 -8.80 29.52
C LEU D 79 8.40 -7.49 30.29
N GLN D 80 8.86 -6.45 29.59
CA GLN D 80 8.89 -5.09 30.08
C GLN D 80 7.90 -4.24 29.28
N ALA D 81 7.66 -3.02 29.78
CA ALA D 81 6.78 -2.11 29.05
C ALA D 81 7.38 -1.64 27.74
N GLU D 82 8.72 -1.65 27.64
CA GLU D 82 9.36 -1.26 26.39
C GLU D 82 9.06 -2.25 25.27
N ASP D 83 8.80 -3.51 25.61
CA ASP D 83 8.63 -4.54 24.61
C ASP D 83 7.35 -4.38 23.80
N GLU D 84 6.47 -3.45 24.18
CA GLU D 84 5.28 -3.16 23.40
C GLU D 84 5.70 -2.58 22.05
N ALA D 85 5.53 -3.35 20.99
CA ALA D 85 6.08 -3.00 19.69
C ALA D 85 5.49 -3.94 18.64
N ASP D 86 5.79 -3.65 17.38
CA ASP D 86 5.51 -4.56 16.28
C ASP D 86 6.72 -5.45 16.05
N TYR D 87 6.47 -6.74 15.85
CA TYR D 87 7.52 -7.72 15.61
C TYR D 87 7.29 -8.38 14.25
N PHE D 88 8.32 -8.35 13.41
CA PHE D 88 8.26 -8.93 12.06
C PHE D 88 9.31 -10.01 11.92
N CYS D 89 8.93 -11.13 11.31
CA CYS D 89 9.90 -12.13 10.90
C CYS D 89 10.26 -11.95 9.43
N ALA D 90 11.25 -12.70 8.99
CA ALA D 90 11.66 -12.67 7.60
C ALA D 90 12.42 -13.96 7.30
N SER D 91 12.48 -14.29 6.01
CA SER D 91 13.38 -15.34 5.55
C SER D 91 13.62 -15.12 4.07
N ALA D 92 14.70 -15.73 3.59
CA ALA D 92 14.95 -15.74 2.16
C ALA D 92 13.87 -16.56 1.46
N GLU D 93 13.71 -16.30 0.16
CA GLU D 93 12.76 -17.03 -0.68
C GLU D 93 13.42 -17.24 -2.05
N ASP D 94 13.85 -18.47 -2.31
CA ASP D 94 14.33 -18.91 -3.63
C ASP D 94 15.71 -18.36 -3.99
N SER D 95 16.18 -17.35 -3.26
CA SER D 95 17.51 -16.81 -3.49
C SER D 95 17.91 -16.04 -2.25
N SER D 96 19.21 -15.74 -2.16
CA SER D 96 19.74 -14.93 -1.07
C SER D 96 19.55 -13.43 -1.30
N SER D 97 18.93 -13.06 -2.42
CA SER D 97 18.66 -11.65 -2.74
C SER D 97 17.17 -11.36 -2.81
N ASN D 98 16.34 -12.20 -2.18
CA ASN D 98 14.91 -11.97 -2.12
C ASN D 98 14.43 -12.35 -0.73
N ALA D 99 13.94 -11.38 0.03
CA ALA D 99 13.42 -11.62 1.36
C ALA D 99 11.91 -11.52 1.36
N VAL D 100 11.27 -12.36 2.16
CA VAL D 100 9.84 -12.26 2.44
C VAL D 100 9.69 -11.95 3.93
N PHE D 101 8.94 -10.90 4.22
CA PHE D 101 8.68 -10.49 5.60
C PHE D 101 7.33 -11.02 6.07
N GLY D 102 7.20 -11.16 7.38
CA GLY D 102 5.94 -11.49 7.97
C GLY D 102 4.96 -10.33 7.95
N SER D 103 3.71 -10.65 8.25
CA SER D 103 2.64 -9.66 8.26
C SER D 103 2.65 -8.80 9.52
N GLY D 104 3.52 -9.09 10.48
CA GLY D 104 3.66 -8.26 11.66
C GLY D 104 2.74 -8.65 12.82
N THR D 105 3.28 -8.62 14.03
CA THR D 105 2.51 -8.95 15.23
C THR D 105 2.67 -7.81 16.23
N THR D 106 1.55 -7.21 16.63
CA THR D 106 1.56 -6.15 17.64
C THR D 106 1.44 -6.77 19.02
N LEU D 107 2.43 -6.51 19.88
CA LEU D 107 2.45 -7.04 21.22
C LEU D 107 1.92 -6.02 22.22
N THR D 108 1.08 -6.47 23.12
CA THR D 108 0.61 -5.66 24.25
C THR D 108 1.11 -6.31 25.54
N VAL D 109 1.69 -5.51 26.42
CA VAL D 109 2.21 -5.98 27.69
C VAL D 109 1.20 -5.57 28.77
N LEU D 110 0.44 -6.55 29.25
CA LEU D 110 -0.61 -6.31 30.22
C LEU D 110 -0.03 -6.19 31.63
N GLY D 111 -0.85 -5.71 32.55
CA GLY D 111 -0.46 -5.60 33.94
C GLY D 111 0.30 -4.35 34.29
N GLN D 112 0.36 -3.37 33.40
CA GLN D 112 1.06 -2.13 33.69
C GLN D 112 0.15 -1.17 34.46
N PRO D 113 0.71 -0.33 35.32
CA PRO D 113 -0.11 0.67 36.02
C PRO D 113 -0.89 1.52 35.03
N LYS D 114 -2.15 1.79 35.37
CA LYS D 114 -2.93 2.76 34.62
C LYS D 114 -2.40 4.16 34.89
N ALA D 115 -2.35 4.98 33.84
CA ALA D 115 -1.84 6.34 33.94
C ALA D 115 -2.83 7.29 33.28
N ALA D 116 -3.32 8.24 34.06
CA ALA D 116 -4.24 9.23 33.52
C ALA D 116 -3.48 10.20 32.62
N PRO D 117 -4.13 10.76 31.60
CA PRO D 117 -3.45 11.70 30.72
C PRO D 117 -3.30 13.07 31.37
N SER D 118 -2.09 13.63 31.23
CA SER D 118 -1.87 15.04 31.54
C SER D 118 -2.24 15.85 30.31
N VAL D 119 -3.00 16.92 30.51
CA VAL D 119 -3.61 17.66 29.41
C VAL D 119 -3.16 19.11 29.50
N THR D 120 -2.75 19.66 28.36
CA THR D 120 -2.35 21.06 28.25
C THR D 120 -3.09 21.67 27.07
N LEU D 121 -3.80 22.77 27.33
CA LEU D 121 -4.68 23.39 26.35
C LEU D 121 -4.20 24.82 26.10
N PHE D 122 -3.90 25.13 24.85
CA PHE D 122 -3.42 26.45 24.48
C PHE D 122 -4.49 27.23 23.73
N PRO D 123 -4.69 28.51 24.05
CA PRO D 123 -5.60 29.33 23.25
C PRO D 123 -4.97 29.71 21.93
N PRO D 124 -5.75 30.23 20.99
CA PRO D 124 -5.15 30.75 19.76
C PRO D 124 -4.14 31.84 20.05
N SER D 125 -3.06 31.85 19.29
CA SER D 125 -2.02 32.84 19.48
C SER D 125 -2.47 34.20 18.95
N SER D 126 -1.82 35.26 19.45
CA SER D 126 -2.08 36.59 18.91
C SER D 126 -1.68 36.66 17.45
N GLU D 127 -0.59 35.99 17.08
CA GLU D 127 -0.15 36.01 15.68
C GLU D 127 -1.16 35.31 14.78
N GLU D 128 -1.75 34.21 15.25
CA GLU D 128 -2.75 33.51 14.45
C GLU D 128 -4.05 34.30 14.36
N LEU D 129 -4.45 34.95 15.47
CA LEU D 129 -5.66 35.74 15.45
C LEU D 129 -5.53 36.94 14.51
N GLN D 130 -4.31 37.44 14.29
CA GLN D 130 -4.11 38.51 13.33
C GLN D 130 -4.23 38.01 11.89
N ALA D 131 -3.89 36.74 11.66
CA ALA D 131 -4.04 36.14 10.34
C ALA D 131 -5.47 35.64 10.10
N ASN D 132 -6.42 36.07 10.91
CA ASN D 132 -7.83 35.72 10.73
C ASN D 132 -8.06 34.22 10.90
N LYS D 133 -7.23 33.57 11.71
CA LYS D 133 -7.36 32.15 12.00
C LYS D 133 -7.29 31.94 13.51
N ALA D 134 -7.77 30.77 13.94
CA ALA D 134 -7.84 30.47 15.36
C ALA D 134 -7.76 28.96 15.55
N THR D 135 -6.74 28.49 16.27
CA THR D 135 -6.58 27.08 16.58
C THR D 135 -6.41 26.91 18.08
N LEU D 136 -7.24 26.05 18.66
CA LEU D 136 -7.04 25.61 20.04
C LEU D 136 -6.30 24.28 20.01
N VAL D 137 -5.17 24.21 20.72
CA VAL D 137 -4.30 23.05 20.69
C VAL D 137 -4.41 22.34 22.02
N CYS D 138 -4.93 21.12 22.00
CA CYS D 138 -5.11 20.30 23.20
C CYS D 138 -4.12 19.14 23.12
N LEU D 139 -3.13 19.15 24.00
CA LEU D 139 -2.03 18.19 23.98
C LEU D 139 -2.21 17.19 25.11
N ILE D 140 -2.11 15.91 24.78
CA ILE D 140 -2.42 14.82 25.69
C ILE D 140 -1.21 13.89 25.75
N SER D 141 -0.70 13.63 26.96
CA SER D 141 0.51 12.86 27.10
C SER D 141 0.45 12.00 28.36
N ASP D 142 1.33 10.99 28.39
CA ASP D 142 1.59 10.20 29.59
C ASP D 142 0.35 9.44 30.05
N PHE D 143 -0.37 8.82 29.12
CA PHE D 143 -1.49 7.96 29.46
C PHE D 143 -1.25 6.54 28.98
N TYR D 144 -1.83 5.58 29.72
CA TYR D 144 -1.74 4.16 29.40
C TYR D 144 -2.91 3.46 30.07
N PRO D 145 -3.58 2.51 29.40
CA PRO D 145 -3.34 2.04 28.03
C PRO D 145 -3.59 3.12 26.98
N GLY D 146 -3.09 2.91 25.78
CA GLY D 146 -3.09 3.95 24.76
C GLY D 146 -4.42 4.13 24.05
N ALA D 147 -5.44 4.56 24.79
CA ALA D 147 -6.75 4.83 24.20
C ALA D 147 -7.40 5.96 24.97
N VAL D 148 -7.79 7.01 24.25
CA VAL D 148 -8.52 8.15 24.82
C VAL D 148 -9.59 8.59 23.85
N THR D 149 -10.58 9.31 24.39
CA THR D 149 -11.59 10.00 23.60
C THR D 149 -11.60 11.46 24.01
N VAL D 150 -11.73 12.34 23.02
CA VAL D 150 -11.64 13.78 23.23
C VAL D 150 -12.99 14.40 22.95
N ALA D 151 -13.47 15.23 23.89
CA ALA D 151 -14.73 15.94 23.76
C ALA D 151 -14.46 17.44 23.89
N TRP D 152 -14.76 18.18 22.84
CA TRP D 152 -14.64 19.64 22.86
C TRP D 152 -15.98 20.26 23.27
N LYS D 153 -15.89 21.39 23.95
CA LYS D 153 -17.06 22.11 24.43
C LYS D 153 -16.94 23.57 24.01
N ALA D 154 -17.95 24.36 24.40
CA ALA D 154 -17.96 25.80 24.17
C ALA D 154 -18.94 26.38 25.19
N ASP D 155 -18.41 27.13 26.16
CA ASP D 155 -19.18 27.51 27.34
C ASP D 155 -19.57 26.25 28.09
N SER D 156 -20.52 25.49 27.54
CA SER D 156 -20.86 24.18 28.08
C SER D 156 -21.59 23.34 27.03
N SER D 157 -21.65 23.82 25.80
CA SER D 157 -22.34 23.12 24.71
C SER D 157 -21.34 22.31 23.89
N PRO D 158 -21.67 21.08 23.52
CA PRO D 158 -20.72 20.28 22.73
C PRO D 158 -20.47 20.90 21.36
N VAL D 159 -19.20 20.84 20.94
CA VAL D 159 -18.79 21.27 19.60
C VAL D 159 -18.23 20.05 18.88
N LYS D 160 -18.79 19.76 17.69
CA LYS D 160 -18.36 18.63 16.88
C LYS D 160 -17.65 19.05 15.60
N ALA D 161 -17.96 20.21 15.05
CA ALA D 161 -17.37 20.66 13.80
C ALA D 161 -15.99 21.25 14.04
N GLY D 162 -15.08 20.99 13.09
CA GLY D 162 -13.75 21.57 13.15
C GLY D 162 -12.80 20.91 14.11
N VAL D 163 -13.04 19.65 14.48
CA VAL D 163 -12.21 18.93 15.43
C VAL D 163 -11.41 17.88 14.67
N GLU D 164 -10.12 17.80 14.95
CA GLU D 164 -9.23 16.83 14.33
C GLU D 164 -8.33 16.25 15.42
N THR D 165 -8.47 14.95 15.68
CA THR D 165 -7.73 14.28 16.74
C THR D 165 -6.83 13.20 16.14
N THR D 166 -5.62 13.11 16.66
CA THR D 166 -4.65 12.16 16.13
C THR D 166 -4.84 10.78 16.77
N THR D 167 -4.26 9.78 16.13
CA THR D 167 -4.16 8.47 16.74
C THR D 167 -3.18 8.54 17.92
N PRO D 168 -3.36 7.70 18.94
CA PRO D 168 -2.37 7.64 20.02
C PRO D 168 -1.05 7.09 19.52
N SER D 169 0.05 7.65 20.02
CA SER D 169 1.38 7.24 19.65
C SER D 169 2.19 6.99 20.91
N LYS D 170 3.09 6.01 20.83
CA LYS D 170 3.89 5.63 21.99
C LYS D 170 5.02 6.63 22.20
N GLN D 171 5.18 7.06 23.45
CA GLN D 171 6.27 7.91 23.87
C GLN D 171 7.50 7.07 24.22
N SER D 172 8.61 7.76 24.52
CA SER D 172 9.81 7.06 24.94
C SER D 172 9.69 6.52 26.37
N ASN D 173 8.78 7.06 27.17
CA ASN D 173 8.57 6.57 28.53
C ASN D 173 7.52 5.46 28.60
N ASN D 174 7.15 4.89 27.46
CA ASN D 174 6.25 3.74 27.35
C ASN D 174 4.79 4.10 27.63
N LYS D 175 4.46 5.38 27.70
CA LYS D 175 3.08 5.84 27.71
C LYS D 175 2.74 6.41 26.35
N TYR D 176 1.51 6.90 26.20
CA TYR D 176 1.00 7.30 24.91
C TYR D 176 0.69 8.79 24.88
N ALA D 177 0.73 9.35 23.68
CA ALA D 177 0.46 10.76 23.44
C ALA D 177 -0.55 10.90 22.31
N ALA D 178 -1.26 12.02 22.33
CA ALA D 178 -2.20 12.37 21.26
C ALA D 178 -2.44 13.87 21.34
N SER D 179 -2.94 14.42 20.24
CA SER D 179 -3.24 15.84 20.16
C SER D 179 -4.55 16.03 19.40
N SER D 180 -5.27 17.08 19.76
CA SER D 180 -6.53 17.42 19.12
C SER D 180 -6.55 18.92 18.86
N TYR D 181 -6.99 19.30 17.67
CA TYR D 181 -7.03 20.69 17.25
C TYR D 181 -8.47 21.08 16.98
N LEU D 182 -8.87 22.26 17.47
CA LEU D 182 -10.19 22.81 17.22
C LEU D 182 -10.00 24.09 16.41
N SER D 183 -10.23 24.02 15.11
CA SER D 183 -10.11 25.18 14.24
C SER D 183 -11.37 26.04 14.38
N LEU D 184 -11.16 27.34 14.60
CA LEU D 184 -12.26 28.27 14.79
C LEU D 184 -11.99 29.53 13.98
N THR D 185 -13.01 30.35 13.87
CA THR D 185 -12.85 31.71 13.39
C THR D 185 -12.50 32.62 14.55
N PRO D 186 -11.80 33.75 14.31
CA PRO D 186 -11.56 34.69 15.40
C PRO D 186 -12.85 35.14 16.07
N GLU D 187 -13.95 35.20 15.32
CA GLU D 187 -15.22 35.66 15.87
C GLU D 187 -15.86 34.60 16.77
N GLN D 188 -15.78 33.33 16.37
CA GLN D 188 -16.22 32.25 17.25
C GLN D 188 -15.34 32.16 18.49
N TRP D 189 -14.10 32.64 18.41
CA TRP D 189 -13.20 32.63 19.57
C TRP D 189 -13.58 33.71 20.56
N LYS D 190 -13.72 34.96 20.09
CA LYS D 190 -14.14 36.05 20.97
C LYS D 190 -15.61 35.94 21.35
N SER D 191 -16.40 35.16 20.61
CA SER D 191 -17.82 35.02 20.90
C SER D 191 -18.06 34.37 22.26
N HIS D 192 -17.86 33.06 22.35
CA HIS D 192 -18.18 32.33 23.56
C HIS D 192 -17.35 32.86 24.73
N ARG D 193 -17.68 32.36 25.93
CA ARG D 193 -16.96 32.77 27.13
C ARG D 193 -15.71 31.92 27.32
N SER D 194 -15.75 30.65 26.98
CA SER D 194 -14.60 29.77 27.13
C SER D 194 -14.79 28.53 26.28
N TYR D 195 -13.70 27.79 26.10
CA TYR D 195 -13.71 26.48 25.47
C TYR D 195 -13.02 25.48 26.38
N SER D 196 -13.47 24.22 26.32
CA SER D 196 -12.95 23.17 27.18
C SER D 196 -12.58 21.94 26.35
N CYS D 197 -11.41 21.37 26.63
CA CYS D 197 -10.97 20.12 26.03
C CYS D 197 -11.07 19.05 27.10
N GLN D 198 -11.97 18.08 26.89
CA GLN D 198 -12.21 17.01 27.84
C GLN D 198 -11.64 15.71 27.29
N VAL D 199 -10.86 15.01 28.10
CA VAL D 199 -10.16 13.80 27.69
C VAL D 199 -10.57 12.67 28.62
N THR D 200 -11.29 11.69 28.08
CA THR D 200 -11.76 10.55 28.86
C THR D 200 -10.81 9.38 28.63
N HIS D 201 -10.33 8.79 29.72
CA HIS D 201 -9.39 7.67 29.67
C HIS D 201 -9.79 6.67 30.74
N GLU D 202 -10.27 5.50 30.33
CA GLU D 202 -10.66 4.44 31.25
C GLU D 202 -11.75 4.92 32.21
N GLY D 203 -12.78 5.57 31.64
CA GLY D 203 -13.89 6.05 32.42
C GLY D 203 -13.59 7.23 33.32
N SER D 204 -12.44 7.88 33.14
CA SER D 204 -12.07 9.06 33.90
C SER D 204 -11.77 10.20 32.94
N THR D 205 -12.32 11.37 33.21
CA THR D 205 -12.26 12.51 32.31
C THR D 205 -11.42 13.62 32.93
N VAL D 206 -10.35 14.00 32.24
CA VAL D 206 -9.55 15.17 32.59
C VAL D 206 -9.88 16.27 31.58
N GLU D 207 -10.08 17.49 32.07
CA GLU D 207 -10.44 18.60 31.21
C GLU D 207 -9.57 19.81 31.51
N LYS D 208 -9.50 20.71 30.53
CA LYS D 208 -8.85 22.00 30.67
C LYS D 208 -9.68 23.04 29.93
N THR D 209 -9.53 24.30 30.33
CA THR D 209 -10.35 25.38 29.79
C THR D 209 -9.49 26.60 29.53
N VAL D 210 -9.82 27.33 28.47
CA VAL D 210 -9.16 28.58 28.13
C VAL D 210 -10.22 29.59 27.69
N ALA D 211 -9.83 30.86 27.67
CA ALA D 211 -10.75 31.93 27.34
C ALA D 211 -9.97 33.06 26.70
N PRO D 212 -10.63 33.95 25.96
CA PRO D 212 -9.92 35.07 25.33
C PRO D 212 -9.19 35.92 26.35
N THR D 213 -8.12 36.57 25.89
CA THR D 213 -7.25 37.33 26.76
C THR D 213 -7.69 38.79 26.83
N GLU D 214 -6.97 39.59 27.62
CA GLU D 214 -7.25 41.01 27.76
C GLU D 214 -6.08 41.84 27.24
#